data_5OFB
#
_entry.id   5OFB
#
_cell.length_a   69.850
_cell.length_b   124.680
_cell.length_c   80.360
_cell.angle_alpha   90.00
_cell.angle_beta   97.73
_cell.angle_gamma   90.00
#
_symmetry.space_group_name_H-M   'P 1 21 1'
#
loop_
_entity.id
_entity.type
_entity.pdbx_description
1 polymer 'MORC family CW-type zinc finger protein 2'
2 non-polymer 'ZINC ION'
3 non-polymer "ADENOSINE-5'-TRIPHOSPHATE"
4 non-polymer 'MAGNESIUM ION'
5 water water
#
_entity_poly.entity_id   1
_entity_poly.type   'polypeptide(L)'
_entity_poly.pdbx_seq_one_letter_code
;GPRMAFTNYSSLNRAQLTFEYLHTNSTTHEFLFGALAELVDNARDADATRIDIYAERREDLRGGFMLCFLDDGAGMDPSD
AASVIQFGKLAKRTPESTQIGQYGNGLKSGSMRIGKDFILFTKKEDTMTCLFLSRTFHEEEGIDEVIVPLPTWNARTREP
VTDNVEKFAIETELIYKYSPFRTEEEVMTQFMKIPGDSGTLVIIFNLKLMDNGEPELDIISNPRDIQMAETSPEGTKPER
RSFRAYAAVLYIDPRMRIFIHGHKVQTKRLSCCLYKPRMYKYTSSRFKTRAEQEVKKAEHVARIAEEKAREAESKARTLE
VRLGGDLTRDSRVMLRQVQNRAITLRREADVKKRIKEAKQRALKEPKELNFVFGVNIEHRDLDGMFIYNCSRLIKMYEKV
GPQLEGGMACGGVVGVVDVPYLVLEPTHNKQDFADAKEYRHLLRAMGEHLAQYWKDIAIAQRGIIKFWDEFGYLSANWNQ
PPSSELRYKRRRAMEIPTTIQCDLCLKWRTLPFQLSSVEKDYPDTWVCSMNPDPEQDRCEASEQKQKVPLGTFRKDMKTQ
EEKQKQLTEKIRQQQEKLEALQKTTPIRSQADLKKLPLEVTTRPST
;
_entity_poly.pdbx_strand_id   B,A
#
loop_
_chem_comp.id
_chem_comp.type
_chem_comp.name
_chem_comp.formula
ATP non-polymer ADENOSINE-5'-TRIPHOSPHATE 'C10 H16 N5 O13 P3'
MG non-polymer 'MAGNESIUM ION' 'Mg 2'
ZN non-polymer 'ZINC ION' 'Zn 2'
#
# COMPACT_ATOMS: atom_id res chain seq x y z
N MET A 4 -6.17 20.55 -25.25
CA MET A 4 -7.65 20.77 -25.22
C MET A 4 -8.14 21.30 -23.85
N ALA A 5 -7.44 22.32 -23.33
CA ALA A 5 -7.78 23.01 -22.07
C ALA A 5 -8.41 24.41 -22.32
N PHE A 6 -9.24 24.87 -21.37
CA PHE A 6 -10.06 26.10 -21.53
C PHE A 6 -9.25 27.41 -21.42
N THR A 7 -8.37 27.49 -20.41
CA THR A 7 -7.50 28.68 -20.16
C THR A 7 -6.00 28.22 -20.07
N ASN A 8 -5.13 29.05 -19.50
CA ASN A 8 -3.74 28.70 -19.19
C ASN A 8 -3.62 28.55 -17.67
N TYR A 9 -3.09 27.40 -17.22
CA TYR A 9 -3.03 27.08 -15.79
C TYR A 9 -1.64 27.22 -15.20
N SER A 10 -0.74 27.97 -15.84
CA SER A 10 0.65 27.96 -15.39
C SER A 10 0.88 28.58 -14.00
N SER A 11 0.00 29.47 -13.56
CA SER A 11 0.13 30.07 -12.23
C SER A 11 -0.44 29.17 -11.12
N LEU A 12 -1.19 28.13 -11.47
CA LEU A 12 -1.86 27.38 -10.40
C LEU A 12 -0.90 26.45 -9.66
N ASN A 13 -1.32 26.08 -8.46
CA ASN A 13 -0.56 25.18 -7.61
C ASN A 13 -0.54 23.79 -8.20
N ARG A 14 0.61 23.14 -8.08
CA ARG A 14 0.82 21.75 -8.43
C ARG A 14 1.05 20.94 -7.19
N ALA A 15 0.45 19.76 -7.10
CA ALA A 15 0.87 18.80 -6.08
C ALA A 15 2.30 18.36 -6.35
N GLN A 16 3.07 18.22 -5.26
CA GLN A 16 4.47 17.82 -5.35
C GLN A 16 4.83 16.71 -4.41
N LEU A 17 5.94 16.04 -4.74
CA LEU A 17 6.53 14.95 -3.95
C LEU A 17 7.58 15.53 -3.09
N THR A 18 7.58 15.19 -1.82
CA THR A 18 8.70 15.56 -0.95
C THR A 18 9.54 14.34 -0.61
N PHE A 19 10.70 14.61 -0.03
CA PHE A 19 11.66 13.58 0.29
C PHE A 19 11.06 12.45 1.17
N GLU A 20 10.28 12.81 2.16
CA GLU A 20 9.73 11.83 3.08
C GLU A 20 8.74 10.89 2.39
N TYR A 21 8.14 11.34 1.28
CA TYR A 21 7.25 10.47 0.52
C TYR A 21 7.92 9.21 -0.01
N LEU A 22 9.24 9.25 -0.24
CA LEU A 22 9.97 8.04 -0.65
C LEU A 22 9.81 6.95 0.42
N HIS A 23 9.89 7.33 1.68
CA HIS A 23 9.67 6.40 2.75
C HIS A 23 8.20 5.98 2.83
N THR A 24 7.28 6.95 2.78
CA THR A 24 5.86 6.62 2.87
C THR A 24 5.49 5.55 1.84
N ASN A 25 5.95 5.76 0.63
CA ASN A 25 5.64 4.88 -0.49
C ASN A 25 6.20 3.47 -0.22
N SER A 26 7.41 3.40 0.35
CA SER A 26 8.03 2.14 0.63
C SER A 26 7.32 1.31 1.70
N THR A 27 6.52 1.92 2.57
CA THR A 27 5.82 1.15 3.63
C THR A 27 4.67 0.28 3.12
N THR A 28 4.38 0.40 1.83
CA THR A 28 3.47 -0.53 1.21
C THR A 28 3.94 -1.99 1.26
N HIS A 29 5.24 -2.24 1.34
CA HIS A 29 5.81 -3.58 1.22
C HIS A 29 6.11 -4.17 2.58
N GLU A 30 5.12 -4.73 3.23
CA GLU A 30 5.39 -5.46 4.49
C GLU A 30 6.05 -6.80 4.18
N PHE A 31 5.71 -7.41 3.02
CA PHE A 31 6.39 -8.60 2.48
C PHE A 31 7.60 -8.15 1.66
N LEU A 32 8.79 -8.35 2.19
CA LEU A 32 9.97 -7.78 1.57
C LEU A 32 10.26 -8.37 0.19
N PHE A 33 9.99 -9.66 -0.04
CA PHE A 33 10.22 -10.18 -1.36
C PHE A 33 9.35 -9.52 -2.43
N GLY A 34 8.22 -8.96 -2.02
CA GLY A 34 7.36 -8.25 -2.97
C GLY A 34 7.98 -6.98 -3.44
N ALA A 35 8.87 -6.38 -2.64
CA ALA A 35 9.68 -5.26 -3.10
C ALA A 35 10.68 -5.68 -4.18
N LEU A 36 11.40 -6.78 -3.96
CA LEU A 36 12.32 -7.33 -4.95
C LEU A 36 11.60 -7.73 -6.23
N ALA A 37 10.40 -8.28 -6.11
CA ALA A 37 9.60 -8.67 -7.26
C ALA A 37 9.32 -7.49 -8.19
N GLU A 38 9.15 -6.27 -7.68
CA GLU A 38 8.93 -5.13 -8.55
C GLU A 38 10.05 -4.98 -9.58
N LEU A 39 11.31 -5.19 -9.15
CA LEU A 39 12.43 -5.02 -10.08
C LEU A 39 12.54 -6.17 -11.08
N VAL A 40 12.15 -7.38 -10.66
CA VAL A 40 12.06 -8.49 -11.54
C VAL A 40 11.01 -8.26 -12.59
N ASP A 41 9.86 -7.77 -12.18
CA ASP A 41 8.76 -7.42 -13.11
C ASP A 41 9.23 -6.43 -14.18
N ASN A 42 9.96 -5.42 -13.79
CA ASN A 42 10.46 -4.45 -14.77
C ASN A 42 11.37 -5.07 -15.83
N ALA A 43 12.27 -6.00 -15.43
CA ALA A 43 13.08 -6.75 -16.40
C ALA A 43 12.20 -7.60 -17.33
N ARG A 44 11.22 -8.28 -16.78
CA ARG A 44 10.34 -9.08 -17.60
C ARG A 44 9.58 -8.20 -18.62
N ASP A 45 9.06 -7.07 -18.16
CA ASP A 45 8.36 -6.11 -19.04
C ASP A 45 9.28 -5.54 -20.12
N ALA A 46 10.58 -5.46 -19.86
CA ALA A 46 11.53 -4.99 -20.87
C ALA A 46 12.01 -6.08 -21.85
N ASP A 47 11.36 -7.21 -21.84
CA ASP A 47 11.65 -8.39 -22.68
C ASP A 47 13.00 -8.97 -22.43
N ALA A 48 13.45 -8.91 -21.19
CA ALA A 48 14.67 -9.59 -20.85
C ALA A 48 14.52 -11.10 -21.02
N THR A 49 15.59 -11.72 -21.47
CA THR A 49 15.68 -13.17 -21.49
C THR A 49 16.36 -13.68 -20.28
N ARG A 50 17.01 -12.78 -19.54
CA ARG A 50 17.77 -13.19 -18.34
C ARG A 50 17.81 -12.03 -17.36
N ILE A 51 17.67 -12.32 -16.07
CA ILE A 51 18.00 -11.38 -14.99
C ILE A 51 18.91 -12.07 -13.99
N ASP A 52 20.00 -11.40 -13.63
CA ASP A 52 20.90 -11.82 -12.57
C ASP A 52 20.63 -10.94 -11.34
N ILE A 53 20.31 -11.56 -10.22
CA ILE A 53 20.14 -10.89 -8.96
C ILE A 53 21.27 -11.38 -8.09
N TYR A 54 22.15 -10.46 -7.70
CA TYR A 54 23.36 -10.87 -7.03
C TYR A 54 23.83 -9.82 -6.06
N ALA A 55 24.72 -10.23 -5.19
CA ALA A 55 25.24 -9.34 -4.17
C ALA A 55 26.66 -8.94 -4.57
N GLU A 56 27.00 -7.69 -4.33
CA GLU A 56 28.37 -7.23 -4.43
C GLU A 56 28.81 -6.78 -3.05
N ARG A 57 29.77 -7.47 -2.47
CA ARG A 57 30.25 -7.10 -1.14
C ARG A 57 30.86 -5.73 -1.05
N ARG A 58 30.41 -4.97 -0.07
CA ARG A 58 30.90 -3.61 0.14
C ARG A 58 30.82 -3.35 1.64
N GLU A 59 31.93 -3.65 2.30
CA GLU A 59 32.02 -3.55 3.74
C GLU A 59 31.73 -2.14 4.27
N ASP A 60 32.03 -1.15 3.44
CA ASP A 60 31.84 0.26 3.77
C ASP A 60 30.40 0.75 3.68
N LEU A 61 29.50 -0.04 3.09
CA LEU A 61 28.12 0.39 2.93
C LEU A 61 27.25 -0.35 3.95
N ARG A 62 26.15 0.29 4.36
CA ARG A 62 25.27 -0.31 5.37
C ARG A 62 24.76 -1.67 4.90
N GLY A 63 24.90 -2.67 5.76
CA GLY A 63 24.52 -4.01 5.43
C GLY A 63 25.60 -4.88 4.82
N GLY A 64 26.70 -4.29 4.39
CA GLY A 64 27.87 -5.02 3.92
C GLY A 64 27.83 -5.50 2.48
N PHE A 65 26.73 -5.27 1.75
CA PHE A 65 26.67 -5.57 0.33
C PHE A 65 25.62 -4.71 -0.39
N MET A 66 25.78 -4.61 -1.71
CA MET A 66 24.81 -3.99 -2.60
C MET A 66 24.03 -5.09 -3.32
N LEU A 67 22.75 -4.86 -3.51
CA LEU A 67 21.88 -5.84 -4.14
C LEU A 67 21.67 -5.39 -5.56
N CYS A 68 22.08 -6.21 -6.51
CA CYS A 68 22.19 -5.84 -7.94
C CYS A 68 21.23 -6.66 -8.80
N PHE A 69 20.55 -5.98 -9.71
CA PHE A 69 19.62 -6.57 -10.62
C PHE A 69 20.06 -6.23 -12.04
N LEU A 70 20.58 -7.22 -12.76
CA LEU A 70 21.16 -7.00 -14.10
C LEU A 70 20.33 -7.77 -15.10
N ASP A 71 19.74 -7.07 -16.08
CA ASP A 71 18.96 -7.72 -17.14
C ASP A 71 19.50 -7.37 -18.54
N ASP A 72 19.15 -8.19 -19.49
CA ASP A 72 19.51 -7.97 -20.88
C ASP A 72 18.31 -7.51 -21.70
N GLY A 73 17.38 -6.80 -21.07
CA GLY A 73 16.18 -6.31 -21.73
C GLY A 73 16.50 -5.13 -22.63
N ALA A 74 15.46 -4.47 -23.05
CA ALA A 74 15.51 -3.41 -24.05
C ALA A 74 16.24 -2.16 -23.61
N GLY A 75 16.50 -2.00 -22.30
CA GLY A 75 17.20 -0.81 -21.87
C GLY A 75 16.32 0.43 -22.08
N MET A 76 16.88 1.59 -21.82
CA MET A 76 16.16 2.87 -21.88
C MET A 76 17.03 3.91 -22.57
N ASP A 77 16.44 4.68 -23.50
CA ASP A 77 17.07 5.88 -23.97
C ASP A 77 16.90 7.01 -22.91
N PRO A 78 17.55 8.14 -23.11
CA PRO A 78 17.54 9.16 -22.06
C PRO A 78 16.16 9.68 -21.70
N SER A 79 15.25 9.77 -22.65
CA SER A 79 13.92 10.23 -22.24
C SER A 79 13.12 9.14 -21.47
N ASP A 80 13.28 7.88 -21.85
CA ASP A 80 12.72 6.76 -21.09
C ASP A 80 13.29 6.83 -19.65
N ALA A 81 14.60 7.00 -19.52
CA ALA A 81 15.21 7.07 -18.18
C ALA A 81 14.65 8.23 -17.34
N ALA A 82 14.40 9.41 -17.97
CA ALA A 82 13.85 10.53 -17.21
C ALA A 82 12.43 10.20 -16.69
N SER A 83 11.69 9.38 -17.43
CA SER A 83 10.34 9.05 -16.98
C SER A 83 10.33 8.01 -15.83
N VAL A 84 11.48 7.42 -15.52
CA VAL A 84 11.54 6.53 -14.37
C VAL A 84 11.11 7.20 -13.06
N ILE A 85 11.45 8.47 -12.90
CA ILE A 85 11.09 9.22 -11.68
C ILE A 85 9.81 10.01 -11.79
N GLN A 86 9.03 9.72 -12.80
CA GLN A 86 7.76 10.26 -12.84
C GLN A 86 6.97 9.18 -12.02
N PHE A 87 6.43 9.67 -10.94
CA PHE A 87 5.45 8.86 -10.22
C PHE A 87 4.09 8.80 -10.93
N GLY A 88 3.73 7.59 -11.37
CA GLY A 88 2.58 7.38 -12.19
C GLY A 88 2.86 7.39 -13.69
N LYS A 89 2.05 6.79 -14.46
CA LYS A 89 2.34 6.84 -15.89
C LYS A 89 1.42 7.93 -16.52
N LEU A 90 1.49 8.05 -17.85
CA LEU A 90 0.69 8.99 -18.65
C LEU A 90 -0.60 8.40 -19.24
N ALA A 91 -1.70 9.09 -18.99
CA ALA A 91 -3.03 8.50 -19.23
C ALA A 91 -3.23 8.28 -20.72
N LYS A 92 -2.59 9.14 -21.51
CA LYS A 92 -2.60 9.02 -22.96
C LYS A 92 -1.73 7.92 -23.52
N ARG A 93 -0.91 7.30 -22.69
CA ARG A 93 0.00 6.33 -23.23
C ARG A 93 -0.77 5.25 -23.99
N THR A 94 -0.16 4.80 -25.07
CA THR A 94 -0.69 3.66 -25.86
C THR A 94 -0.91 2.39 -24.97
N PRO A 95 -2.17 1.86 -24.91
CA PRO A 95 -2.46 0.81 -23.88
C PRO A 95 -1.64 -0.47 -24.11
N GLU A 96 -0.94 -0.91 -23.07
CA GLU A 96 -0.20 -2.16 -23.11
C GLU A 96 -0.89 -3.05 -22.08
N SER A 97 -2.02 -3.58 -22.50
CA SER A 97 -2.66 -4.63 -21.74
C SER A 97 -1.78 -5.72 -21.20
N THR A 98 -0.65 -6.14 -21.77
CA THR A 98 0.04 -7.32 -21.19
C THR A 98 1.30 -7.00 -20.40
N GLN A 99 1.60 -5.73 -20.23
CA GLN A 99 2.72 -5.40 -19.33
C GLN A 99 2.27 -5.50 -17.91
N ILE A 100 3.14 -5.98 -17.05
CA ILE A 100 2.86 -5.98 -15.60
C ILE A 100 2.81 -4.55 -15.09
N GLY A 101 3.76 -3.70 -15.52
CA GLY A 101 3.85 -2.30 -15.07
C GLY A 101 2.71 -1.43 -15.58
N GLN A 102 1.90 -0.91 -14.66
CA GLN A 102 0.81 -0.02 -15.00
C GLN A 102 0.74 1.19 -14.09
N TYR A 103 1.28 1.10 -12.86
CA TYR A 103 1.12 2.10 -11.84
C TYR A 103 2.18 3.17 -11.75
N GLY A 104 3.26 2.99 -12.47
CA GLY A 104 4.31 3.94 -12.51
C GLY A 104 5.01 4.18 -11.17
N ASN A 105 5.20 3.13 -10.39
CA ASN A 105 5.61 3.28 -9.00
C ASN A 105 6.55 2.18 -8.47
N GLY A 106 6.48 0.97 -9.03
CA GLY A 106 7.11 -0.22 -8.41
C GLY A 106 8.57 -0.11 -8.11
N LEU A 107 9.36 0.43 -9.03
CA LEU A 107 10.74 0.55 -8.78
C LEU A 107 11.02 1.49 -7.58
N LYS A 108 10.24 2.54 -7.42
CA LYS A 108 10.46 3.46 -6.32
C LYS A 108 9.94 2.86 -5.01
N SER A 109 8.77 2.26 -5.00
CA SER A 109 8.30 1.67 -3.75
C SER A 109 9.22 0.51 -3.33
N GLY A 110 9.58 -0.35 -4.27
CA GLY A 110 10.39 -1.52 -3.93
C GLY A 110 11.83 -1.20 -3.52
N SER A 111 12.48 -0.34 -4.28
CA SER A 111 13.87 -0.02 -3.99
C SER A 111 14.01 0.68 -2.61
N MET A 112 13.09 1.58 -2.30
CA MET A 112 13.15 2.32 -1.07
C MET A 112 12.68 1.50 0.14
N ARG A 113 12.04 0.36 -0.09
CA ARG A 113 11.81 -0.60 1.01
C ARG A 113 13.13 -1.32 1.35
N ILE A 114 13.89 -1.64 0.32
CA ILE A 114 15.03 -2.54 0.45
C ILE A 114 16.21 -1.81 1.02
N GLY A 115 16.51 -0.60 0.49
CA GLY A 115 17.71 0.13 0.91
C GLY A 115 17.46 1.62 0.94
N LYS A 116 18.42 2.37 1.44
CA LYS A 116 18.33 3.81 1.49
C LYS A 116 18.47 4.46 0.10
N ASP A 117 19.34 3.93 -0.71
CA ASP A 117 19.77 4.57 -1.96
C ASP A 117 19.72 3.56 -3.12
N PHE A 118 19.57 4.04 -4.37
CA PHE A 118 19.83 3.19 -5.50
C PHE A 118 20.45 3.99 -6.64
N ILE A 119 21.20 3.29 -7.47
CA ILE A 119 21.78 3.84 -8.68
C ILE A 119 21.45 2.86 -9.80
N LEU A 120 21.01 3.38 -10.94
CA LEU A 120 20.60 2.55 -12.06
C LEU A 120 21.46 2.93 -13.29
N PHE A 121 21.90 1.93 -14.04
CA PHE A 121 22.65 2.13 -15.27
C PHE A 121 21.87 1.45 -16.39
N THR A 122 21.66 2.14 -17.49
CA THR A 122 20.90 1.57 -18.57
C THR A 122 21.54 1.97 -19.90
N LYS A 123 21.40 1.12 -20.89
CA LYS A 123 21.97 1.37 -22.21
C LYS A 123 20.97 0.96 -23.27
N LYS A 124 20.93 1.75 -24.32
CA LYS A 124 20.09 1.52 -25.48
C LYS A 124 20.72 2.24 -26.69
N GLU A 125 20.93 1.47 -27.74
CA GLU A 125 21.52 1.96 -28.99
C GLU A 125 22.80 2.67 -28.70
N ASP A 126 22.88 3.98 -28.90
CA ASP A 126 24.17 4.63 -28.74
C ASP A 126 24.23 5.50 -27.51
N THR A 127 23.34 5.27 -26.53
CA THR A 127 23.38 6.07 -25.32
C THR A 127 23.39 5.18 -24.12
N MET A 128 23.96 5.70 -23.05
CA MET A 128 23.80 5.03 -21.77
C MET A 128 23.65 6.09 -20.68
N THR A 129 22.74 5.84 -19.74
CA THR A 129 22.26 6.81 -18.81
C THR A 129 22.37 6.26 -17.41
N CYS A 130 22.73 7.15 -16.49
CA CYS A 130 22.73 6.81 -15.06
C CYS A 130 21.63 7.59 -14.37
N LEU A 131 20.87 6.91 -13.49
CA LEU A 131 19.87 7.55 -12.70
C LEU A 131 20.21 7.26 -11.25
N PHE A 132 20.34 8.30 -10.44
CA PHE A 132 20.86 8.17 -9.07
C PHE A 132 19.86 8.73 -8.09
N LEU A 133 19.29 7.88 -7.26
CA LEU A 133 18.37 8.31 -6.21
C LEU A 133 19.04 8.11 -4.86
N SER A 134 19.49 9.21 -4.27
CA SER A 134 20.28 9.16 -3.07
C SER A 134 19.57 9.84 -1.91
N ARG A 135 18.94 9.04 -1.05
CA ARG A 135 18.37 9.62 0.13
C ARG A 135 19.49 10.08 1.09
N THR A 136 20.66 9.48 1.02
CA THR A 136 21.81 9.93 1.80
C THR A 136 22.11 11.42 1.47
N PHE A 137 22.22 11.73 0.18
CA PHE A 137 22.38 13.10 -0.27
C PHE A 137 21.30 14.04 0.26
N HIS A 138 20.03 13.64 0.17
CA HIS A 138 18.97 14.52 0.61
C HIS A 138 19.03 14.79 2.11
N GLU A 139 19.33 13.78 2.90
CA GLU A 139 19.50 13.93 4.33
C GLU A 139 20.72 14.81 4.69
N GLU A 140 21.85 14.54 4.08
CA GLU A 140 23.07 15.29 4.43
C GLU A 140 22.97 16.76 4.06
N GLU A 141 22.25 17.08 3.00
CA GLU A 141 22.18 18.44 2.50
C GLU A 141 20.83 19.12 2.72
N GLY A 142 19.94 18.49 3.48
CA GLY A 142 18.68 19.11 3.86
C GLY A 142 17.75 19.41 2.69
N ILE A 143 17.64 18.47 1.74
CA ILE A 143 16.82 18.67 0.55
C ILE A 143 15.48 18.03 0.80
N ASP A 144 14.44 18.85 0.68
CA ASP A 144 13.10 18.36 0.88
C ASP A 144 12.35 18.02 -0.41
N GLU A 145 12.85 18.48 -1.54
CA GLU A 145 12.38 17.95 -2.82
C GLU A 145 13.00 16.57 -3.07
N VAL A 146 12.71 15.97 -4.20
CA VAL A 146 13.39 14.76 -4.63
C VAL A 146 14.15 15.11 -5.93
N ILE A 147 15.45 15.30 -5.83
CA ILE A 147 16.36 15.76 -6.89
C ILE A 147 17.14 14.54 -7.35
N VAL A 148 17.18 14.32 -8.67
CA VAL A 148 17.73 13.13 -9.24
C VAL A 148 18.76 13.42 -10.38
N PRO A 149 20.06 13.20 -10.14
CA PRO A 149 21.01 13.19 -11.23
C PRO A 149 20.69 12.17 -12.31
N LEU A 150 20.81 12.59 -13.55
CA LEU A 150 20.44 11.79 -14.70
C LEU A 150 21.39 12.01 -15.88
N PRO A 151 22.71 11.78 -15.70
CA PRO A 151 23.65 12.02 -16.81
C PRO A 151 23.62 10.91 -17.87
N THR A 152 23.89 11.28 -19.11
CA THR A 152 23.92 10.36 -20.25
C THR A 152 25.28 10.50 -20.95
N TRP A 153 25.83 9.36 -21.37
CA TRP A 153 27.06 9.33 -22.18
C TRP A 153 26.78 8.62 -23.47
N ASN A 154 27.63 8.90 -24.47
CA ASN A 154 27.58 8.19 -25.74
C ASN A 154 28.15 6.78 -25.51
N ALA A 155 27.43 5.76 -25.94
CA ALA A 155 27.81 4.39 -25.60
C ALA A 155 29.07 3.93 -26.33
N ARG A 156 29.39 4.51 -27.49
CA ARG A 156 30.58 4.11 -28.27
C ARG A 156 31.82 4.94 -27.92
N THR A 157 31.66 6.25 -27.78
CA THR A 157 32.79 7.14 -27.50
C THR A 157 32.96 7.51 -26.04
N ARG A 158 31.93 7.32 -25.21
CA ARG A 158 31.97 7.74 -23.80
C ARG A 158 32.02 9.23 -23.58
N GLU A 159 31.68 10.04 -24.57
CA GLU A 159 31.59 11.47 -24.31
C GLU A 159 30.23 11.77 -23.68
N PRO A 160 30.19 12.79 -22.80
CA PRO A 160 28.90 13.23 -22.28
C PRO A 160 27.93 13.61 -23.39
N VAL A 161 26.66 13.30 -23.18
CA VAL A 161 25.60 13.77 -24.05
C VAL A 161 24.78 14.66 -23.18
N THR A 162 24.95 15.96 -23.34
CA THR A 162 24.25 16.90 -22.47
C THR A 162 24.11 18.25 -23.17
N ASP A 163 22.95 18.87 -23.01
CA ASP A 163 22.72 20.22 -23.45
C ASP A 163 23.19 21.27 -22.42
N ASN A 164 23.70 20.84 -21.28
CA ASN A 164 24.02 21.79 -20.20
C ASN A 164 25.16 21.22 -19.43
N VAL A 165 26.35 21.64 -19.77
CA VAL A 165 27.55 21.10 -19.19
C VAL A 165 27.67 21.43 -17.71
N GLU A 166 27.14 22.57 -17.29
CA GLU A 166 27.14 22.86 -15.85
C GLU A 166 26.27 21.84 -15.09
N LYS A 167 25.08 21.58 -15.58
CA LYS A 167 24.19 20.58 -15.00
C LYS A 167 24.86 19.21 -14.97
N PHE A 168 25.50 18.84 -16.07
CA PHE A 168 26.18 17.55 -16.16
C PHE A 168 27.30 17.41 -15.09
N ALA A 169 28.07 18.49 -14.91
CA ALA A 169 29.12 18.49 -13.88
C ALA A 169 28.56 18.31 -12.48
N ILE A 170 27.46 18.99 -12.17
CA ILE A 170 26.87 18.87 -10.83
C ILE A 170 26.32 17.45 -10.64
N GLU A 171 25.67 16.92 -11.67
CA GLU A 171 25.07 15.57 -11.62
C GLU A 171 26.14 14.50 -11.32
N THR A 172 27.23 14.53 -12.08
CA THR A 172 28.24 13.50 -11.95
C THR A 172 29.00 13.69 -10.66
N GLU A 173 29.19 14.92 -10.23
CA GLU A 173 29.86 15.16 -8.96
C GLU A 173 29.06 14.58 -7.81
N LEU A 174 27.74 14.71 -7.86
CA LEU A 174 26.88 14.10 -6.85
C LEU A 174 27.08 12.57 -6.84
N ILE A 175 27.08 11.97 -8.03
CA ILE A 175 27.32 10.53 -8.16
C ILE A 175 28.69 10.13 -7.57
N TYR A 176 29.76 10.86 -7.91
CA TYR A 176 31.10 10.52 -7.37
C TYR A 176 31.21 10.79 -5.89
N LYS A 177 30.44 11.73 -5.36
CA LYS A 177 30.46 11.99 -3.93
C LYS A 177 29.64 10.97 -3.11
N TYR A 178 28.44 10.64 -3.55
CA TYR A 178 27.50 9.87 -2.72
C TYR A 178 27.26 8.42 -3.11
N SER A 179 27.59 8.05 -4.34
CA SER A 179 27.32 6.72 -4.83
C SER A 179 28.43 5.74 -4.41
N PRO A 180 28.27 4.45 -4.73
CA PRO A 180 29.37 3.52 -4.50
C PRO A 180 30.55 3.70 -5.44
N PHE A 181 30.42 4.54 -6.48
CA PHE A 181 31.42 4.63 -7.54
C PHE A 181 31.99 6.05 -7.54
N ARG A 182 33.28 6.18 -7.26
CA ARG A 182 33.89 7.49 -6.90
C ARG A 182 34.54 8.21 -8.07
N THR A 183 34.57 7.58 -9.25
CA THR A 183 35.21 8.18 -10.42
C THR A 183 34.44 7.81 -11.66
N GLU A 184 34.73 8.51 -12.75
CA GLU A 184 34.12 8.18 -14.04
C GLU A 184 34.47 6.77 -14.47
N GLU A 185 35.70 6.36 -14.23
CA GLU A 185 36.16 5.01 -14.56
C GLU A 185 35.31 3.95 -13.83
N GLU A 186 35.01 4.18 -12.57
CA GLU A 186 34.23 3.21 -11.83
C GLU A 186 32.80 3.16 -12.40
N VAL A 187 32.25 4.30 -12.79
CA VAL A 187 30.95 4.33 -13.39
C VAL A 187 30.94 3.56 -14.72
N MET A 188 31.97 3.76 -15.55
CA MET A 188 32.08 3.04 -16.81
C MET A 188 32.18 1.54 -16.63
N THR A 189 32.90 1.11 -15.62
CA THR A 189 32.90 -0.30 -15.23
C THR A 189 31.48 -0.88 -15.04
N GLN A 190 30.58 -0.09 -14.47
CA GLN A 190 29.22 -0.58 -14.27
C GLN A 190 28.49 -0.68 -15.61
N PHE A 191 28.65 0.33 -16.45
CA PHE A 191 28.03 0.28 -17.76
C PHE A 191 28.53 -0.94 -18.54
N MET A 192 29.80 -1.26 -18.42
CA MET A 192 30.34 -2.42 -19.12
C MET A 192 29.79 -3.75 -18.61
N LYS A 193 29.14 -3.81 -17.44
CA LYS A 193 28.50 -5.07 -17.03
C LYS A 193 27.25 -5.41 -17.85
N ILE A 194 26.74 -4.45 -18.63
CA ILE A 194 25.61 -4.70 -19.53
C ILE A 194 26.26 -5.08 -20.86
N PRO A 195 26.42 -6.37 -21.17
CA PRO A 195 27.34 -6.71 -22.30
C PRO A 195 26.72 -6.61 -23.68
N GLY A 196 25.40 -6.70 -23.82
CA GLY A 196 24.82 -6.54 -25.14
C GLY A 196 24.69 -5.10 -25.62
N ASP A 197 23.86 -4.91 -26.61
CA ASP A 197 23.52 -3.60 -27.11
C ASP A 197 22.60 -2.87 -26.11
N SER A 198 21.92 -3.60 -25.21
CA SER A 198 20.96 -2.96 -24.34
C SER A 198 20.76 -3.78 -23.09
N GLY A 199 20.32 -3.09 -22.06
CA GLY A 199 19.99 -3.72 -20.77
C GLY A 199 20.07 -2.69 -19.67
N THR A 200 19.82 -3.15 -18.43
CA THR A 200 19.72 -2.31 -17.31
C THR A 200 20.30 -3.02 -16.09
N LEU A 201 21.03 -2.24 -15.28
CA LEU A 201 21.59 -2.67 -14.01
C LEU A 201 21.10 -1.74 -12.91
N VAL A 202 20.35 -2.28 -11.95
CA VAL A 202 19.86 -1.52 -10.83
C VAL A 202 20.61 -2.00 -9.59
N ILE A 203 21.20 -1.06 -8.85
CA ILE A 203 21.98 -1.37 -7.65
C ILE A 203 21.37 -0.67 -6.46
N ILE A 204 20.83 -1.44 -5.52
CA ILE A 204 20.30 -0.89 -4.29
C ILE A 204 21.36 -1.05 -3.21
N PHE A 205 21.60 0.01 -2.44
CA PHE A 205 22.66 -0.05 -1.42
C PHE A 205 22.27 0.74 -0.19
N ASN A 206 23.11 0.60 0.82
CA ASN A 206 22.79 1.02 2.17
C ASN A 206 21.48 0.31 2.57
N LEU A 207 21.58 -1.01 2.67
CA LEU A 207 20.44 -1.85 2.91
C LEU A 207 19.93 -1.68 4.34
N LYS A 208 18.64 -1.90 4.50
CA LYS A 208 18.00 -1.78 5.84
C LYS A 208 18.54 -2.86 6.78
N LEU A 209 18.73 -2.46 8.04
CA LEU A 209 19.21 -3.32 9.07
C LEU A 209 18.13 -3.64 10.09
N MET A 210 18.17 -4.85 10.66
CA MET A 210 17.38 -5.20 11.79
C MET A 210 17.97 -4.57 13.05
N ASP A 211 17.27 -4.67 14.17
CA ASP A 211 17.72 -4.06 15.43
C ASP A 211 19.06 -4.61 15.90
N ASN A 212 19.40 -5.84 15.56
CA ASN A 212 20.73 -6.38 15.92
C ASN A 212 21.86 -5.91 14.97
N GLY A 213 21.60 -4.98 14.06
CA GLY A 213 22.64 -4.51 13.13
C GLY A 213 22.88 -5.37 11.90
N GLU A 214 22.17 -6.50 11.73
CA GLU A 214 22.33 -7.38 10.59
C GLU A 214 21.32 -6.99 9.48
N PRO A 215 21.67 -7.21 8.21
CA PRO A 215 20.68 -6.89 7.17
C PRO A 215 19.46 -7.82 7.23
N GLU A 216 18.35 -7.34 6.70
CA GLU A 216 17.14 -8.13 6.63
C GLU A 216 17.32 -9.31 5.68
N LEU A 217 18.18 -9.15 4.68
CA LEU A 217 18.40 -10.14 3.64
C LEU A 217 19.69 -10.89 4.00
N ASP A 218 19.59 -12.20 4.08
CA ASP A 218 20.70 -13.07 4.49
C ASP A 218 21.18 -13.78 3.22
N ILE A 219 22.38 -13.40 2.75
CA ILE A 219 22.99 -14.05 1.60
C ILE A 219 24.13 -14.99 2.04
N ILE A 220 24.29 -15.24 3.34
CA ILE A 220 25.39 -16.03 3.87
C ILE A 220 24.98 -17.46 4.18
N SER A 221 23.82 -17.67 4.78
CA SER A 221 23.40 -19.01 5.19
C SER A 221 23.33 -19.97 4.03
N ASN A 222 22.80 -19.51 2.89
CA ASN A 222 22.88 -20.30 1.66
C ASN A 222 23.43 -19.37 0.59
N PRO A 223 24.69 -19.56 0.17
CA PRO A 223 25.29 -18.60 -0.77
C PRO A 223 24.71 -18.64 -2.16
N ARG A 224 23.84 -19.59 -2.45
CA ARG A 224 23.08 -19.59 -3.69
C ARG A 224 21.69 -18.96 -3.53
N ASP A 225 21.42 -18.29 -2.42
CA ASP A 225 20.04 -17.81 -2.17
C ASP A 225 20.08 -16.44 -1.52
N ILE A 226 18.92 -15.80 -1.50
CA ILE A 226 18.67 -14.63 -0.69
C ILE A 226 17.55 -15.05 0.23
N GLN A 227 17.83 -15.14 1.53
CA GLN A 227 16.83 -15.59 2.46
C GLN A 227 16.42 -14.45 3.40
N MET A 228 15.22 -14.52 3.95
CA MET A 228 14.85 -13.62 5.01
C MET A 228 15.67 -13.99 6.25
N ALA A 229 16.26 -13.01 6.89
CA ALA A 229 16.99 -13.21 8.15
C ALA A 229 15.94 -13.24 9.30
N GLU A 230 15.27 -14.35 9.39
CA GLU A 230 14.32 -14.60 10.47
C GLU A 230 14.19 -16.10 10.61
N THR A 231 13.87 -16.50 11.82
CA THR A 231 13.63 -17.91 12.07
C THR A 231 12.37 -18.36 11.31
N SER A 232 12.37 -19.62 10.88
CA SER A 232 11.20 -20.13 10.16
C SER A 232 10.45 -21.13 11.05
N PRO A 233 9.24 -20.77 11.56
CA PRO A 233 8.40 -21.74 12.29
C PRO A 233 7.85 -22.91 11.48
N GLU A 234 6.92 -23.65 12.11
CA GLU A 234 6.31 -24.89 11.59
C GLU A 234 5.60 -24.79 10.20
N GLY A 235 4.61 -23.90 10.08
CA GLY A 235 3.90 -23.73 8.80
C GLY A 235 4.44 -22.64 7.87
N THR A 236 5.74 -22.34 7.95
CA THR A 236 6.31 -21.22 7.17
C THR A 236 6.59 -21.66 5.73
N LYS A 237 6.05 -20.93 4.80
CA LYS A 237 6.10 -21.33 3.42
C LYS A 237 7.49 -20.99 2.88
N PRO A 238 8.09 -21.88 2.07
CA PRO A 238 9.41 -21.62 1.47
C PRO A 238 9.45 -20.32 0.64
N GLU A 239 8.37 -19.99 -0.09
CA GLU A 239 8.35 -18.75 -0.88
C GLU A 239 8.36 -17.50 -0.04
N ARG A 240 8.03 -17.61 1.24
CA ARG A 240 8.11 -16.50 2.15
C ARG A 240 9.42 -16.36 2.89
N ARG A 241 10.36 -17.30 2.67
CA ARG A 241 11.70 -17.16 3.26
C ARG A 241 12.84 -17.25 2.32
N SER A 242 12.64 -17.87 1.17
CA SER A 242 13.70 -18.13 0.20
C SER A 242 13.34 -17.43 -1.08
N PHE A 243 14.17 -16.49 -1.53
CA PHE A 243 13.88 -15.81 -2.77
C PHE A 243 13.99 -16.73 -3.96
N ARG A 244 14.87 -17.74 -3.90
CA ARG A 244 14.97 -18.76 -4.94
C ARG A 244 13.63 -19.46 -5.09
N ALA A 245 12.99 -19.81 -3.99
CA ALA A 245 11.68 -20.45 -4.07
C ALA A 245 10.61 -19.46 -4.61
N TYR A 246 10.60 -18.25 -4.13
CA TYR A 246 9.61 -17.26 -4.57
C TYR A 246 9.77 -16.95 -6.06
N ALA A 247 10.99 -16.68 -6.49
CA ALA A 247 11.23 -16.34 -7.87
C ALA A 247 10.81 -17.44 -8.82
N ALA A 248 10.95 -18.69 -8.39
CA ALA A 248 10.55 -19.79 -9.25
C ALA A 248 9.06 -19.76 -9.64
N VAL A 249 8.20 -19.18 -8.80
CA VAL A 249 6.73 -19.23 -9.03
C VAL A 249 6.15 -17.86 -9.29
N LEU A 250 7.01 -16.85 -9.43
CA LEU A 250 6.59 -15.47 -9.55
C LEU A 250 5.72 -15.27 -10.79
N TYR A 251 5.97 -16.01 -11.85
CA TYR A 251 5.20 -15.89 -13.07
C TYR A 251 4.53 -17.20 -13.42
N ILE A 252 3.33 -17.10 -13.95
CA ILE A 252 2.60 -18.29 -14.29
C ILE A 252 3.19 -18.96 -15.54
N ASP A 253 3.90 -18.19 -16.37
CA ASP A 253 4.44 -18.67 -17.67
C ASP A 253 5.86 -18.22 -17.82
N PRO A 254 6.76 -18.73 -16.97
CA PRO A 254 8.12 -18.22 -16.97
C PRO A 254 8.79 -18.40 -18.33
N ARG A 255 9.52 -17.39 -18.78
CA ARG A 255 10.40 -17.49 -19.95
C ARG A 255 11.71 -16.90 -19.62
N MET A 256 11.70 -15.68 -19.07
CA MET A 256 12.92 -15.03 -18.61
C MET A 256 13.62 -15.95 -17.61
N ARG A 257 14.91 -16.16 -17.81
CA ARG A 257 15.73 -17.00 -16.94
C ARG A 257 16.16 -16.12 -15.75
N ILE A 258 16.18 -16.71 -14.56
CA ILE A 258 16.50 -15.98 -13.35
C ILE A 258 17.71 -16.66 -12.72
N PHE A 259 18.72 -15.89 -12.35
CA PHE A 259 19.91 -16.40 -11.66
C PHE A 259 20.08 -15.62 -10.35
N ILE A 260 20.39 -16.32 -9.26
CA ILE A 260 20.67 -15.71 -7.97
C ILE A 260 22.11 -16.02 -7.63
N HIS A 261 22.92 -14.99 -7.47
CA HIS A 261 24.36 -15.12 -7.21
C HIS A 261 25.05 -15.97 -8.28
N GLY A 262 24.57 -15.88 -9.51
CA GLY A 262 25.17 -16.67 -10.60
C GLY A 262 24.60 -18.05 -10.77
N HIS A 263 23.67 -18.47 -9.91
CA HIS A 263 23.16 -19.84 -9.97
C HIS A 263 21.72 -19.85 -10.47
N LYS A 264 21.47 -20.60 -11.54
CA LYS A 264 20.16 -20.63 -12.19
C LYS A 264 19.08 -21.09 -11.22
N VAL A 265 17.96 -20.39 -11.27
CA VAL A 265 16.76 -20.73 -10.55
C VAL A 265 15.97 -21.67 -11.45
N GLN A 266 15.48 -22.77 -10.89
CA GLN A 266 14.56 -23.64 -11.60
C GLN A 266 13.19 -23.05 -11.55
N THR A 267 12.88 -22.20 -12.50
CA THR A 267 11.54 -21.64 -12.58
C THR A 267 10.55 -22.73 -12.93
N LYS A 268 9.30 -22.53 -12.64
CA LYS A 268 8.40 -23.61 -12.89
C LYS A 268 7.01 -23.14 -13.21
N ARG A 269 6.29 -24.01 -13.88
CA ARG A 269 4.87 -23.81 -14.15
C ARG A 269 4.19 -24.71 -13.14
N LEU A 270 3.50 -24.11 -12.19
CA LEU A 270 2.95 -24.85 -11.09
C LEU A 270 2.09 -26.03 -11.53
N SER A 271 1.34 -25.87 -12.59
CA SER A 271 0.52 -26.94 -13.10
C SER A 271 1.34 -28.15 -13.58
N CYS A 272 2.62 -28.01 -13.86
CA CYS A 272 3.46 -29.12 -14.26
C CYS A 272 4.11 -29.81 -13.11
N CYS A 273 3.91 -29.35 -11.87
CA CYS A 273 4.53 -29.91 -10.67
C CYS A 273 3.56 -30.71 -9.81
N LEU A 274 2.35 -30.94 -10.29
CA LEU A 274 1.29 -31.49 -9.46
C LEU A 274 0.72 -32.79 -10.03
N TYR A 275 0.12 -33.56 -9.15
CA TYR A 275 -0.50 -34.82 -9.50
C TYR A 275 -1.89 -34.58 -10.05
N LYS A 276 -2.19 -35.24 -11.17
CA LYS A 276 -3.45 -35.19 -11.86
C LYS A 276 -4.03 -33.81 -12.01
N PRO A 277 -3.27 -32.92 -12.66
CA PRO A 277 -3.79 -31.59 -12.89
C PRO A 277 -5.02 -31.62 -13.80
N ARG A 278 -6.01 -30.79 -13.49
CA ARG A 278 -7.22 -30.67 -14.30
C ARG A 278 -7.65 -29.22 -14.42
N MET A 279 -8.22 -28.84 -15.55
CA MET A 279 -8.57 -27.45 -15.78
C MET A 279 -10.07 -27.31 -15.88
N TYR A 280 -10.61 -26.27 -15.25
CA TYR A 280 -12.03 -25.99 -15.27
C TYR A 280 -12.18 -24.58 -15.78
N LYS A 281 -13.02 -24.44 -16.79
CA LYS A 281 -13.31 -23.13 -17.35
C LYS A 281 -14.48 -22.52 -16.62
N TYR A 282 -14.26 -21.32 -16.10
CA TYR A 282 -15.25 -20.64 -15.27
C TYR A 282 -15.71 -19.43 -16.06
N THR A 283 -17.00 -19.37 -16.36
CA THR A 283 -17.58 -18.26 -17.10
C THR A 283 -17.75 -17.13 -16.15
N SER A 284 -17.06 -16.02 -16.40
CA SER A 284 -17.01 -14.91 -15.46
C SER A 284 -17.97 -13.82 -15.92
N SER A 285 -19.03 -13.56 -15.18
CA SER A 285 -19.93 -12.44 -15.52
C SER A 285 -19.21 -11.10 -15.42
N ARG A 286 -18.29 -10.95 -14.46
CA ARG A 286 -17.52 -9.75 -14.36
C ARG A 286 -16.66 -9.50 -15.63
N PHE A 287 -16.00 -10.55 -16.11
CA PHE A 287 -15.19 -10.45 -17.31
C PHE A 287 -16.07 -9.98 -18.48
N LYS A 288 -17.22 -10.60 -18.67
CA LYS A 288 -18.13 -10.24 -19.77
C LYS A 288 -18.66 -8.80 -19.63
N THR A 289 -19.13 -8.40 -18.44
CA THR A 289 -19.64 -7.04 -18.25
C THR A 289 -18.59 -5.98 -18.50
N ARG A 290 -17.37 -6.20 -18.00
CA ARG A 290 -16.31 -5.22 -18.23
C ARG A 290 -15.85 -5.12 -19.65
N ALA A 291 -15.80 -6.25 -20.35
CA ALA A 291 -15.48 -6.22 -21.79
C ALA A 291 -16.57 -5.49 -22.56
N GLU A 292 -17.83 -5.74 -22.18
CA GLU A 292 -18.95 -5.03 -22.81
C GLU A 292 -18.90 -3.53 -22.54
N GLN A 293 -18.47 -3.10 -21.35
CA GLN A 293 -18.35 -1.67 -21.09
C GLN A 293 -17.22 -1.05 -21.87
N GLU A 294 -16.09 -1.75 -21.98
CA GLU A 294 -14.99 -1.24 -22.83
C GLU A 294 -15.38 -1.13 -24.32
N VAL A 295 -16.29 -1.96 -24.77
CA VAL A 295 -16.80 -1.86 -26.11
C VAL A 295 -17.77 -0.69 -26.24
N LYS A 296 -18.78 -0.62 -25.36
CA LYS A 296 -19.75 0.47 -25.39
C LYS A 296 -19.03 1.81 -25.44
N LYS A 297 -17.90 1.92 -24.72
CA LYS A 297 -17.11 3.14 -24.71
C LYS A 297 -16.39 3.38 -26.03
N ALA A 298 -15.72 2.37 -26.56
CA ALA A 298 -15.10 2.50 -27.89
C ALA A 298 -16.10 2.85 -29.00
N GLU A 299 -17.30 2.30 -28.92
CA GLU A 299 -18.34 2.57 -29.93
C GLU A 299 -18.92 3.97 -29.75
N HIS A 300 -19.00 4.49 -28.53
CA HIS A 300 -19.37 5.87 -28.33
C HIS A 300 -18.27 6.79 -28.86
N VAL A 301 -17.01 6.49 -28.60
CA VAL A 301 -15.89 7.32 -29.06
C VAL A 301 -15.83 7.35 -30.59
N ALA A 302 -16.09 6.21 -31.24
CA ALA A 302 -16.13 6.17 -32.70
C ALA A 302 -17.38 6.87 -33.23
N ARG A 303 -18.48 6.84 -32.48
CA ARG A 303 -19.69 7.54 -32.86
C ARG A 303 -19.52 9.04 -32.87
N ILE A 304 -18.95 9.61 -31.82
CA ILE A 304 -18.74 11.05 -31.80
C ILE A 304 -17.78 11.48 -32.92
N ALA A 305 -16.70 10.73 -33.15
CA ALA A 305 -15.75 11.08 -34.20
C ALA A 305 -16.39 11.03 -35.58
N GLU A 306 -17.31 10.11 -35.81
CA GLU A 306 -18.00 9.97 -37.12
C GLU A 306 -18.95 11.13 -37.38
N GLU A 307 -19.68 11.58 -36.38
CA GLU A 307 -20.56 12.74 -36.56
C GLU A 307 -19.76 14.00 -36.81
N LYS A 308 -18.65 14.16 -36.10
CA LYS A 308 -17.72 15.22 -36.36
C LYS A 308 -17.14 15.13 -37.79
N ALA A 309 -16.75 13.95 -38.26
CA ALA A 309 -16.23 13.84 -39.64
C ALA A 309 -17.33 14.11 -40.66
N ARG A 310 -18.55 13.68 -40.36
CA ARG A 310 -19.69 13.81 -41.29
C ARG A 310 -20.10 15.28 -41.41
N GLU A 311 -20.15 16.00 -40.29
CA GLU A 311 -20.43 17.44 -40.36
C GLU A 311 -19.36 18.17 -41.14
N ALA A 312 -18.08 17.84 -40.93
CA ALA A 312 -16.99 18.59 -41.56
C ALA A 312 -16.96 18.33 -43.08
N GLU A 313 -17.24 17.10 -43.50
CA GLU A 313 -17.37 16.80 -44.93
C GLU A 313 -18.56 17.53 -45.57
N SER A 314 -19.68 17.57 -44.85
CA SER A 314 -20.89 18.29 -45.31
C SER A 314 -20.59 19.77 -45.44
N LYS A 315 -19.94 20.35 -44.43
CA LYS A 315 -19.54 21.76 -44.48
C LYS A 315 -18.62 22.02 -45.64
N ALA A 316 -17.67 21.13 -45.91
CA ALA A 316 -16.73 21.30 -47.02
C ALA A 316 -17.48 21.40 -48.35
N ARG A 317 -18.41 20.49 -48.58
CA ARG A 317 -19.21 20.51 -49.78
C ARG A 317 -20.05 21.79 -49.88
N THR A 318 -20.76 22.10 -48.81
CA THR A 318 -21.65 23.27 -48.81
C THR A 318 -20.86 24.57 -48.99
N LEU A 319 -19.69 24.69 -48.33
CA LEU A 319 -18.86 25.88 -48.44
C LEU A 319 -18.33 26.07 -49.85
N GLU A 320 -18.05 24.98 -50.55
CA GLU A 320 -17.70 25.09 -51.96
C GLU A 320 -18.81 25.73 -52.77
N VAL A 321 -20.05 25.26 -52.60
CA VAL A 321 -21.21 25.81 -53.32
C VAL A 321 -21.43 27.28 -52.95
N ARG A 322 -21.38 27.59 -51.65
CA ARG A 322 -21.62 28.95 -51.18
C ARG A 322 -20.55 29.92 -51.67
N LEU A 323 -19.28 29.52 -51.62
CA LEU A 323 -18.21 30.36 -52.16
C LEU A 323 -18.25 30.48 -53.66
N GLY A 324 -18.83 29.49 -54.35
CA GLY A 324 -18.94 29.55 -55.81
C GLY A 324 -17.63 29.30 -56.56
N LEU A 327 -14.11 34.14 -55.94
CA LEU A 327 -13.29 33.16 -55.23
C LEU A 327 -11.98 33.80 -54.74
N THR A 328 -12.12 34.65 -53.73
CA THR A 328 -11.07 35.56 -53.28
C THR A 328 -9.93 34.86 -52.51
N ARG A 329 -8.88 35.62 -52.17
CA ARG A 329 -7.67 35.04 -51.59
C ARG A 329 -7.88 34.48 -50.17
N ASP A 330 -8.57 35.22 -49.31
CA ASP A 330 -8.94 34.72 -47.97
C ASP A 330 -9.85 33.49 -48.09
N SER A 331 -10.86 33.60 -48.96
CA SER A 331 -11.79 32.52 -49.24
C SER A 331 -11.10 31.20 -49.64
N ARG A 332 -10.11 31.27 -50.53
CA ARG A 332 -9.26 30.12 -50.87
C ARG A 332 -8.65 29.41 -49.63
N VAL A 333 -8.01 30.19 -48.75
CA VAL A 333 -7.38 29.67 -47.53
C VAL A 333 -8.40 28.95 -46.63
N MET A 334 -9.52 29.64 -46.41
CA MET A 334 -10.61 29.15 -45.60
C MET A 334 -11.19 27.88 -46.21
N LEU A 335 -11.29 27.82 -47.54
CA LEU A 335 -11.79 26.62 -48.20
C LEU A 335 -10.89 25.38 -47.99
N ARG A 336 -9.58 25.54 -48.01
CA ARG A 336 -8.67 24.40 -47.83
C ARG A 336 -8.52 24.06 -46.35
N GLN A 337 -8.74 25.04 -45.47
CA GLN A 337 -8.71 24.74 -44.04
C GLN A 337 -9.94 23.89 -43.66
N VAL A 338 -11.04 24.14 -44.32
CA VAL A 338 -12.25 23.32 -44.16
C VAL A 338 -12.09 21.96 -44.86
N GLN A 339 -11.55 21.95 -46.09
CA GLN A 339 -11.38 20.70 -46.83
C GLN A 339 -10.37 19.75 -46.15
N ASN A 340 -9.25 20.28 -45.66
CA ASN A 340 -8.26 19.45 -44.94
C ASN A 340 -8.71 19.00 -43.56
N ARG A 341 -9.39 19.88 -42.87
CA ARG A 341 -9.99 19.52 -41.59
C ARG A 341 -10.97 18.36 -41.77
N ALA A 342 -11.76 18.38 -42.83
CA ALA A 342 -12.62 17.23 -43.17
C ALA A 342 -11.79 15.96 -43.40
N ILE A 343 -10.71 16.09 -44.14
CA ILE A 343 -9.83 14.95 -44.41
C ILE A 343 -9.29 14.34 -43.10
N THR A 344 -8.83 15.18 -42.19
CA THR A 344 -8.19 14.69 -40.98
C THR A 344 -9.20 14.09 -40.01
N LEU A 345 -10.39 14.68 -39.88
CA LEU A 345 -11.42 14.10 -39.05
C LEU A 345 -11.89 12.77 -39.60
N ARG A 346 -11.95 12.64 -40.92
CA ARG A 346 -12.36 11.38 -41.53
C ARG A 346 -11.37 10.28 -41.16
N ARG A 347 -10.08 10.56 -41.28
CA ARG A 347 -9.05 9.55 -40.89
C ARG A 347 -9.05 9.29 -39.37
N GLU A 348 -9.32 10.32 -38.58
CA GLU A 348 -9.52 10.09 -37.14
C GLU A 348 -10.74 9.22 -36.87
N ALA A 349 -11.84 9.48 -37.56
CA ALA A 349 -13.05 8.70 -37.36
C ALA A 349 -12.83 7.24 -37.76
N ASP A 350 -12.13 7.04 -38.89
CA ASP A 350 -11.83 5.69 -39.37
C ASP A 350 -10.94 4.89 -38.42
N VAL A 351 -9.97 5.58 -37.80
CA VAL A 351 -9.08 4.86 -36.89
C VAL A 351 -9.82 4.42 -35.62
N LYS A 352 -10.72 5.27 -35.10
CA LYS A 352 -11.54 4.91 -33.93
C LYS A 352 -12.56 3.85 -34.27
N LYS A 353 -13.05 3.83 -35.51
CA LYS A 353 -13.94 2.78 -35.95
C LYS A 353 -13.19 1.44 -35.96
N ARG A 354 -11.90 1.46 -36.28
CA ARG A 354 -11.12 0.23 -36.31
C ARG A 354 -10.89 -0.33 -34.91
N ILE A 355 -10.65 0.55 -33.96
CA ILE A 355 -10.47 0.12 -32.58
C ILE A 355 -11.78 -0.42 -32.01
N LYS A 356 -12.89 0.25 -32.32
CA LYS A 356 -14.21 -0.23 -31.94
C LYS A 356 -14.41 -1.65 -32.46
N GLU A 357 -14.14 -1.87 -33.73
CA GLU A 357 -14.31 -3.17 -34.35
C GLU A 357 -13.42 -4.24 -33.70
N ALA A 358 -12.17 -3.88 -33.37
CA ALA A 358 -11.27 -4.82 -32.69
C ALA A 358 -11.79 -5.23 -31.31
N LYS A 359 -12.31 -4.27 -30.54
CA LYS A 359 -12.92 -4.59 -29.25
C LYS A 359 -14.18 -5.41 -29.41
N GLN A 360 -14.96 -5.15 -30.47
CA GLN A 360 -16.13 -5.98 -30.76
C GLN A 360 -15.74 -7.41 -31.10
N ARG A 361 -14.67 -7.60 -31.87
CA ARG A 361 -14.24 -8.95 -32.19
C ARG A 361 -13.82 -9.71 -30.93
N ALA A 362 -13.01 -9.07 -30.11
CA ALA A 362 -12.55 -9.69 -28.85
C ALA A 362 -13.72 -10.02 -27.93
N LEU A 363 -14.78 -9.20 -27.97
CA LEU A 363 -15.95 -9.44 -27.14
C LEU A 363 -16.60 -10.79 -27.35
N LYS A 364 -16.48 -11.34 -28.56
CA LYS A 364 -17.08 -12.63 -28.85
C LYS A 364 -16.25 -13.80 -28.33
N GLU A 365 -14.95 -13.59 -28.08
CA GLU A 365 -14.11 -14.63 -27.49
C GLU A 365 -14.69 -15.08 -26.14
N PRO A 366 -14.33 -16.27 -25.68
CA PRO A 366 -14.94 -16.70 -24.41
C PRO A 366 -14.43 -15.81 -23.25
N LYS A 367 -15.32 -15.55 -22.29
CA LYS A 367 -15.04 -14.69 -21.15
C LYS A 367 -14.88 -15.58 -19.93
N GLU A 368 -13.80 -16.33 -19.95
CA GLU A 368 -13.59 -17.41 -19.03
C GLU A 368 -12.26 -17.24 -18.29
N LEU A 369 -12.25 -17.70 -17.04
CA LEU A 369 -11.05 -17.87 -16.26
C LEU A 369 -10.78 -19.37 -16.20
N ASN A 370 -9.52 -19.74 -16.34
CA ASN A 370 -9.12 -21.12 -16.33
C ASN A 370 -8.59 -21.46 -14.98
N PHE A 371 -9.34 -22.24 -14.19
CA PHE A 371 -8.86 -22.74 -12.90
C PHE A 371 -8.19 -24.05 -13.13
N VAL A 372 -6.95 -24.20 -12.67
CA VAL A 372 -6.24 -25.47 -12.76
C VAL A 372 -5.98 -25.94 -11.34
N PHE A 373 -6.27 -27.22 -11.07
CA PHE A 373 -6.04 -27.82 -9.75
C PHE A 373 -5.17 -29.06 -9.91
N GLY A 374 -4.36 -29.34 -8.91
CA GLY A 374 -3.61 -30.57 -8.89
C GLY A 374 -3.18 -30.82 -7.47
N VAL A 375 -2.74 -32.04 -7.19
CA VAL A 375 -2.41 -32.41 -5.84
C VAL A 375 -0.93 -32.31 -5.63
N ASN A 376 -0.54 -31.61 -4.59
CA ASN A 376 0.87 -31.44 -4.31
C ASN A 376 1.34 -32.63 -3.50
N ILE A 377 1.67 -33.70 -4.18
CA ILE A 377 2.02 -34.92 -3.48
C ILE A 377 3.39 -34.87 -2.82
N GLU A 378 4.31 -34.07 -3.34
CA GLU A 378 5.61 -33.91 -2.69
C GLU A 378 5.56 -33.13 -1.39
N HIS A 379 4.58 -32.26 -1.22
CA HIS A 379 4.54 -31.37 -0.05
C HIS A 379 3.08 -31.05 0.23
N ARG A 380 2.41 -32.01 0.86
CA ARG A 380 0.96 -31.93 1.02
C ARG A 380 0.54 -30.67 1.80
N ASP A 381 1.39 -30.20 2.71
CA ASP A 381 1.06 -29.02 3.53
C ASP A 381 1.21 -27.66 2.74
N LEU A 382 1.80 -27.69 1.56
CA LEU A 382 1.95 -26.48 0.76
C LEU A 382 0.84 -26.46 -0.26
N ASP A 383 -0.35 -26.09 0.20
CA ASP A 383 -1.56 -26.22 -0.60
C ASP A 383 -2.33 -24.91 -0.60
N GLY A 384 -3.40 -24.84 -1.37
CA GLY A 384 -4.19 -23.64 -1.48
C GLY A 384 -3.97 -23.02 -2.85
N MET A 385 -4.60 -21.87 -3.07
CA MET A 385 -4.64 -21.24 -4.39
C MET A 385 -3.52 -20.23 -4.60
N PHE A 386 -3.00 -20.22 -5.83
CA PHE A 386 -2.04 -19.29 -6.30
C PHE A 386 -2.76 -18.44 -7.37
N ILE A 387 -2.91 -17.15 -7.14
CA ILE A 387 -3.70 -16.31 -8.00
C ILE A 387 -2.75 -15.33 -8.67
N TYR A 388 -2.67 -15.40 -9.96
CA TYR A 388 -1.80 -14.57 -10.79
C TYR A 388 -2.67 -13.49 -11.46
N ASN A 389 -2.05 -12.35 -11.78
CA ASN A 389 -2.76 -11.22 -12.39
C ASN A 389 -1.89 -10.73 -13.54
N CYS A 390 -2.35 -10.97 -14.77
CA CYS A 390 -1.54 -10.71 -15.97
C CYS A 390 -0.17 -11.37 -15.83
N SER A 391 -0.20 -12.64 -15.41
CA SER A 391 0.90 -13.58 -15.31
C SER A 391 1.70 -13.46 -14.03
N ARG A 392 1.48 -12.42 -13.23
CA ARG A 392 2.28 -12.10 -12.04
C ARG A 392 1.60 -12.64 -10.79
N LEU A 393 2.35 -13.32 -9.97
CA LEU A 393 1.78 -13.89 -8.74
C LEU A 393 1.39 -12.77 -7.72
N ILE A 394 0.16 -12.81 -7.23
CA ILE A 394 -0.37 -11.84 -6.32
C ILE A 394 -0.64 -12.50 -4.98
N LYS A 395 -1.40 -13.59 -4.97
CA LYS A 395 -1.73 -14.33 -3.73
C LYS A 395 -1.21 -15.74 -3.84
N MET A 396 -0.62 -16.24 -2.75
CA MET A 396 -0.17 -17.59 -2.69
C MET A 396 -0.70 -18.30 -1.45
N TYR A 397 -0.92 -19.58 -1.60
CA TYR A 397 -1.38 -20.45 -0.50
C TYR A 397 -2.69 -20.00 0.12
N GLU A 398 -3.62 -19.51 -0.71
CA GLU A 398 -4.87 -19.01 -0.23
C GLU A 398 -5.87 -20.17 -0.13
N LYS A 399 -6.33 -20.51 1.08
CA LYS A 399 -7.28 -21.62 1.25
C LYS A 399 -8.70 -21.21 0.84
N VAL A 400 -9.37 -22.10 0.09
CA VAL A 400 -10.73 -21.89 -0.36
C VAL A 400 -11.59 -23.15 -0.19
N GLY A 401 -12.91 -22.97 -0.25
CA GLY A 401 -13.83 -24.08 -0.35
C GLY A 401 -13.68 -25.00 0.84
N PRO A 402 -13.62 -26.32 0.58
CA PRO A 402 -13.49 -27.28 1.68
C PRO A 402 -12.22 -27.14 2.50
N GLN A 403 -11.16 -26.52 1.96
CA GLN A 403 -9.93 -26.34 2.75
C GLN A 403 -10.15 -25.41 3.94
N LEU A 404 -11.21 -24.60 3.91
CA LEU A 404 -11.47 -23.73 5.05
C LEU A 404 -12.12 -24.47 6.22
N GLU A 405 -12.37 -25.76 6.08
CA GLU A 405 -12.86 -26.56 7.17
C GLU A 405 -11.73 -27.40 7.79
N GLY A 406 -11.98 -27.84 9.02
CA GLY A 406 -11.22 -28.88 9.69
C GLY A 406 -11.57 -30.17 8.99
N GLY A 407 -10.63 -30.68 8.23
CA GLY A 407 -10.84 -31.89 7.51
C GLY A 407 -9.64 -32.20 6.63
N MET A 408 -9.60 -33.42 6.11
CA MET A 408 -8.64 -33.80 5.08
C MET A 408 -9.16 -33.50 3.67
N ALA A 409 -10.42 -33.07 3.55
CA ALA A 409 -11.01 -32.83 2.23
C ALA A 409 -10.33 -31.62 1.57
N CYS A 410 -9.89 -31.85 0.35
CA CYS A 410 -9.10 -30.91 -0.43
C CYS A 410 -7.76 -30.56 0.17
N GLY A 411 -7.34 -31.25 1.22
CA GLY A 411 -5.99 -31.06 1.75
C GLY A 411 -4.98 -31.52 0.68
N GLY A 412 -3.93 -30.72 0.47
CA GLY A 412 -2.94 -31.02 -0.52
C GLY A 412 -3.19 -30.44 -1.90
N VAL A 413 -4.34 -29.86 -2.13
CA VAL A 413 -4.68 -29.45 -3.47
C VAL A 413 -4.17 -28.02 -3.67
N VAL A 414 -3.42 -27.83 -4.74
CA VAL A 414 -2.96 -26.51 -5.18
C VAL A 414 -3.83 -26.09 -6.36
N GLY A 415 -4.28 -24.84 -6.37
CA GLY A 415 -5.05 -24.28 -7.48
C GLY A 415 -4.26 -23.14 -8.07
N VAL A 416 -4.40 -22.92 -9.38
CA VAL A 416 -3.72 -21.84 -10.06
C VAL A 416 -4.69 -21.15 -11.02
N VAL A 417 -4.74 -19.82 -11.02
CA VAL A 417 -5.51 -19.11 -12.02
C VAL A 417 -4.80 -17.82 -12.41
N ASP A 418 -4.85 -17.46 -13.69
CA ASP A 418 -4.38 -16.20 -14.20
C ASP A 418 -5.55 -15.28 -14.51
N VAL A 419 -5.60 -14.15 -13.83
CA VAL A 419 -6.72 -13.21 -13.93
C VAL A 419 -6.26 -12.00 -14.76
N PRO A 420 -6.96 -11.69 -15.85
CA PRO A 420 -6.64 -10.49 -16.60
C PRO A 420 -7.03 -9.18 -15.84
N TYR A 421 -6.40 -8.09 -16.24
CA TYR A 421 -6.68 -6.81 -15.65
C TYR A 421 -8.12 -6.38 -15.74
N LEU A 422 -8.81 -6.78 -16.80
CA LEU A 422 -10.22 -6.46 -16.93
C LEU A 422 -11.07 -6.99 -15.75
N VAL A 423 -10.69 -8.14 -15.21
CA VAL A 423 -11.41 -8.72 -14.07
C VAL A 423 -10.92 -8.18 -12.72
N LEU A 424 -9.60 -8.25 -12.46
CA LEU A 424 -9.06 -7.66 -11.20
C LEU A 424 -7.77 -6.90 -11.50
N GLU A 425 -7.53 -5.85 -10.74
CA GLU A 425 -6.24 -5.13 -10.74
C GLU A 425 -5.65 -5.22 -9.33
N PRO A 426 -4.32 -5.13 -9.24
CA PRO A 426 -3.69 -5.30 -7.93
C PRO A 426 -3.76 -4.05 -7.03
N THR A 427 -3.57 -4.29 -5.72
CA THR A 427 -3.29 -3.20 -4.83
C THR A 427 -1.93 -2.58 -5.11
N HIS A 428 -1.68 -1.46 -4.42
CA HIS A 428 -0.49 -0.64 -4.53
C HIS A 428 0.82 -1.44 -4.34
N ASN A 429 0.80 -2.46 -3.51
CA ASN A 429 2.02 -3.27 -3.30
C ASN A 429 2.08 -4.54 -4.16
N LYS A 430 1.07 -4.77 -4.99
CA LYS A 430 0.98 -5.97 -5.82
C LYS A 430 1.05 -7.25 -5.01
N GLN A 431 0.47 -7.23 -3.80
CA GLN A 431 0.38 -8.42 -2.97
C GLN A 431 -1.08 -8.65 -2.59
N ASP A 432 -2.01 -7.89 -3.17
CA ASP A 432 -3.44 -8.10 -2.91
C ASP A 432 -4.22 -7.54 -4.12
N PHE A 433 -5.53 -7.66 -4.11
CA PHE A 433 -6.37 -7.16 -5.18
C PHE A 433 -7.16 -5.92 -4.72
N ALA A 434 -7.21 -4.92 -5.59
CA ALA A 434 -7.83 -3.65 -5.29
C ALA A 434 -9.31 -3.72 -5.03
N ASP A 435 -9.99 -4.64 -5.71
CA ASP A 435 -11.43 -4.83 -5.59
C ASP A 435 -11.73 -6.06 -4.74
N ALA A 436 -11.86 -5.83 -3.44
CA ALA A 436 -11.97 -6.93 -2.49
C ALA A 436 -13.25 -7.73 -2.70
N LYS A 437 -14.31 -7.04 -3.04
CA LYS A 437 -15.61 -7.69 -3.26
C LYS A 437 -15.50 -8.71 -4.40
N GLU A 438 -14.93 -8.30 -5.52
CA GLU A 438 -14.77 -9.19 -6.65
C GLU A 438 -13.74 -10.29 -6.40
N TYR A 439 -12.70 -9.98 -5.64
CA TYR A 439 -11.76 -11.00 -5.26
C TYR A 439 -12.41 -12.07 -4.38
N ARG A 440 -13.19 -11.66 -3.39
CA ARG A 440 -13.86 -12.67 -2.54
C ARG A 440 -14.82 -13.54 -3.37
N HIS A 441 -15.48 -12.93 -4.35
CA HIS A 441 -16.31 -13.69 -5.28
C HIS A 441 -15.50 -14.75 -6.03
N LEU A 442 -14.35 -14.33 -6.59
CA LEU A 442 -13.48 -15.26 -7.26
C LEU A 442 -13.06 -16.41 -6.33
N LEU A 443 -12.67 -16.11 -5.10
CA LEU A 443 -12.28 -17.16 -4.18
C LEU A 443 -13.42 -18.16 -3.92
N ARG A 444 -14.66 -17.70 -3.80
CA ARG A 444 -15.77 -18.63 -3.61
C ARG A 444 -15.97 -19.48 -4.88
N ALA A 445 -15.87 -18.89 -6.05
CA ALA A 445 -15.99 -19.66 -7.29
C ALA A 445 -14.87 -20.72 -7.36
N MET A 446 -13.65 -20.34 -7.02
CA MET A 446 -12.55 -21.26 -7.02
C MET A 446 -12.79 -22.41 -6.02
N GLY A 447 -13.36 -22.07 -4.86
CA GLY A 447 -13.74 -23.08 -3.88
C GLY A 447 -14.77 -24.10 -4.35
N GLU A 448 -15.75 -23.65 -5.10
CA GLU A 448 -16.76 -24.57 -5.63
C GLU A 448 -16.17 -25.50 -6.68
N HIS A 449 -15.28 -24.98 -7.52
CA HIS A 449 -14.60 -25.80 -8.53
C HIS A 449 -13.61 -26.75 -7.88
N LEU A 450 -12.96 -26.32 -6.79
CA LEU A 450 -12.07 -27.17 -6.04
C LEU A 450 -12.83 -28.40 -5.52
N ALA A 451 -14.01 -28.17 -5.00
CA ALA A 451 -14.83 -29.31 -4.51
C ALA A 451 -15.12 -30.31 -5.66
N GLN A 452 -15.43 -29.79 -6.83
CA GLN A 452 -15.67 -30.63 -8.00
C GLN A 452 -14.42 -31.40 -8.43
N TYR A 453 -13.26 -30.73 -8.43
CA TYR A 453 -12.00 -31.40 -8.72
C TYR A 453 -11.81 -32.58 -7.79
N TRP A 454 -12.06 -32.35 -6.53
CA TRP A 454 -11.93 -33.41 -5.51
C TRP A 454 -12.85 -34.62 -5.79
N LYS A 455 -14.08 -34.38 -6.17
CA LYS A 455 -14.98 -35.44 -6.63
C LYS A 455 -14.40 -36.12 -7.88
N ASP A 456 -13.90 -35.32 -8.81
CA ASP A 456 -13.49 -35.84 -10.10
C ASP A 456 -12.31 -36.81 -10.04
N ILE A 457 -11.29 -36.50 -9.27
CA ILE A 457 -10.17 -37.41 -9.14
C ILE A 457 -10.46 -38.56 -8.19
N ALA A 458 -11.58 -38.50 -7.47
CA ALA A 458 -12.12 -39.65 -6.74
C ALA A 458 -11.14 -40.26 -5.72
N ILE A 459 -10.31 -39.40 -5.12
CA ILE A 459 -9.40 -39.84 -4.09
C ILE A 459 -10.16 -40.49 -2.97
N ALA A 460 -11.37 -39.97 -2.69
CA ALA A 460 -12.17 -40.53 -1.59
C ALA A 460 -12.90 -41.86 -1.93
N GLN A 461 -13.26 -42.10 -3.19
CA GLN A 461 -13.78 -43.42 -3.65
C GLN A 461 -12.79 -44.49 -3.25
N ARG A 462 -11.53 -44.24 -3.53
CA ARG A 462 -10.54 -45.26 -3.31
C ARG A 462 -9.81 -45.39 -1.93
N GLY A 463 -9.40 -44.39 -1.13
CA GLY A 463 -9.85 -43.89 0.20
C GLY A 463 -8.74 -42.93 0.62
N ILE A 464 -9.07 -41.83 1.28
CA ILE A 464 -8.13 -40.67 1.29
C ILE A 464 -6.85 -40.92 2.11
N ILE A 465 -6.96 -41.60 3.22
CA ILE A 465 -5.77 -41.97 3.99
C ILE A 465 -4.85 -42.93 3.22
N LYS A 466 -5.43 -43.93 2.54
CA LYS A 466 -4.63 -44.87 1.78
C LYS A 466 -3.96 -44.22 0.55
N PHE A 467 -4.59 -43.17 0.02
CA PHE A 467 -3.98 -42.38 -1.05
C PHE A 467 -2.67 -41.77 -0.56
N TRP A 468 -2.71 -41.11 0.59
CA TRP A 468 -1.51 -40.49 1.13
C TRP A 468 -0.47 -41.50 1.61
N ASP A 469 -0.92 -42.63 2.17
CA ASP A 469 0.02 -43.69 2.55
C ASP A 469 0.88 -44.14 1.39
N GLU A 470 0.25 -44.27 0.23
CA GLU A 470 0.96 -44.76 -0.93
C GLU A 470 2.10 -43.90 -1.41
N PHE A 471 2.01 -42.57 -1.19
CA PHE A 471 3.09 -41.66 -1.48
C PHE A 471 4.05 -41.45 -0.32
N GLY A 472 3.84 -42.13 0.80
CA GLY A 472 4.85 -42.22 1.84
C GLY A 472 4.70 -41.27 3.00
N TYR A 473 3.48 -40.83 3.27
CA TYR A 473 3.20 -40.00 4.43
C TYR A 473 2.97 -40.90 5.64
N LEU A 474 4.07 -41.35 6.22
CA LEU A 474 4.03 -42.25 7.38
C LEU A 474 3.61 -41.51 8.65
N SER A 475 4.09 -40.27 8.80
CA SER A 475 3.92 -39.51 10.03
C SER A 475 2.46 -39.09 10.23
N ALA A 476 2.04 -38.98 11.48
CA ALA A 476 0.66 -38.58 11.80
C ALA A 476 0.46 -37.06 11.77
N ASN A 477 1.53 -36.29 11.88
CA ASN A 477 1.53 -34.82 11.83
C ASN A 477 1.39 -34.34 10.34
N TRP A 478 0.37 -33.56 10.01
CA TRP A 478 0.06 -33.23 8.62
C TRP A 478 1.23 -32.50 7.96
N ASN A 479 2.14 -31.92 8.75
CA ASN A 479 3.10 -31.08 8.11
C ASN A 479 4.50 -31.66 7.89
N GLN A 480 4.79 -32.87 8.33
CA GLN A 480 6.10 -33.42 8.03
C GLN A 480 6.13 -33.94 6.58
N PRO A 481 7.30 -33.91 5.96
CA PRO A 481 7.40 -34.36 4.58
C PRO A 481 7.15 -35.87 4.46
N PRO A 482 6.83 -36.34 3.26
CA PRO A 482 6.69 -37.78 3.09
C PRO A 482 8.08 -38.44 3.16
N SER A 483 8.06 -39.74 3.35
CA SER A 483 9.31 -40.48 3.45
C SER A 483 10.26 -40.29 2.28
N SER A 484 11.54 -40.28 2.58
CA SER A 484 12.56 -40.10 1.58
C SER A 484 13.20 -41.39 1.04
N GLU A 485 12.76 -42.53 1.55
CA GLU A 485 13.25 -43.81 1.03
C GLU A 485 12.84 -43.98 -0.42
N LEU A 486 13.62 -44.79 -1.13
CA LEU A 486 13.62 -44.81 -2.58
C LEU A 486 12.28 -45.19 -3.18
N ARG A 487 11.61 -46.19 -2.62
CA ARG A 487 10.32 -46.67 -3.14
C ARG A 487 9.28 -45.55 -3.17
N TYR A 488 9.26 -44.72 -2.14
CA TYR A 488 8.25 -43.66 -2.10
C TYR A 488 8.67 -42.51 -2.99
N LYS A 489 9.97 -42.23 -3.07
CA LYS A 489 10.46 -41.19 -3.98
C LYS A 489 10.06 -41.48 -5.40
N ARG A 490 10.30 -42.70 -5.87
CA ARG A 490 9.94 -43.07 -7.23
C ARG A 490 8.44 -43.09 -7.42
N ARG A 491 7.68 -43.54 -6.42
CA ARG A 491 6.23 -43.53 -6.50
C ARG A 491 5.73 -42.09 -6.74
N ARG A 492 6.28 -41.13 -6.01
CA ARG A 492 5.91 -39.73 -6.19
C ARG A 492 6.41 -39.20 -7.53
N ALA A 493 7.66 -39.47 -7.89
CA ALA A 493 8.29 -38.92 -9.10
C ALA A 493 7.61 -39.35 -10.39
N MET A 494 7.15 -40.59 -10.44
CA MET A 494 6.41 -41.15 -11.58
C MET A 494 5.21 -40.34 -11.96
N GLU A 495 4.62 -39.65 -11.00
CA GLU A 495 3.40 -38.89 -11.25
C GLU A 495 3.62 -37.51 -11.80
N ILE A 496 4.86 -37.03 -11.79
CA ILE A 496 5.16 -35.63 -12.04
C ILE A 496 6.18 -35.60 -13.18
N PRO A 497 5.81 -35.04 -14.34
CA PRO A 497 6.82 -35.02 -15.42
C PRO A 497 8.02 -34.13 -15.06
N THR A 498 9.15 -34.39 -15.68
CA THR A 498 10.33 -33.59 -15.46
C THR A 498 10.42 -32.60 -16.64
N THR A 499 10.41 -31.31 -16.32
CA THR A 499 10.39 -30.29 -17.35
C THR A 499 11.62 -29.45 -17.14
N ILE A 500 12.13 -28.85 -18.21
CA ILE A 500 13.37 -28.13 -18.15
C ILE A 500 13.40 -27.15 -19.30
N GLN A 501 14.04 -26.00 -19.08
CA GLN A 501 14.08 -24.95 -20.06
C GLN A 501 15.42 -24.86 -20.73
N CYS A 502 15.42 -24.74 -22.05
CA CYS A 502 16.66 -24.58 -22.79
C CYS A 502 17.27 -23.20 -22.59
N ASP A 503 18.53 -23.17 -22.24
CA ASP A 503 19.24 -21.90 -22.04
C ASP A 503 19.49 -21.08 -23.28
N LEU A 504 19.41 -21.70 -24.44
CA LEU A 504 19.66 -21.01 -25.73
C LEU A 504 18.40 -20.42 -26.38
N CYS A 505 17.38 -21.24 -26.55
CA CYS A 505 16.18 -20.86 -27.27
C CYS A 505 14.97 -20.60 -26.36
N LEU A 506 15.09 -20.90 -25.07
CA LEU A 506 14.09 -20.60 -24.05
C LEU A 506 12.85 -21.50 -24.08
N LYS A 507 12.83 -22.50 -24.96
CA LYS A 507 11.70 -23.42 -24.98
C LYS A 507 11.71 -24.34 -23.77
N TRP A 508 10.52 -24.77 -23.38
CA TRP A 508 10.32 -25.72 -22.32
C TRP A 508 10.20 -27.15 -22.90
N ARG A 509 10.98 -28.07 -22.33
CA ARG A 509 11.07 -29.44 -22.78
C ARG A 509 10.69 -30.40 -21.65
N THR A 510 10.31 -31.60 -22.00
CA THR A 510 10.18 -32.67 -21.01
C THR A 510 11.33 -33.66 -21.15
N LEU A 511 11.86 -34.13 -20.03
CA LEU A 511 12.84 -35.20 -20.03
C LEU A 511 12.16 -36.54 -19.69
N PRO A 512 12.56 -37.61 -20.37
CA PRO A 512 11.99 -38.94 -20.16
C PRO A 512 12.72 -39.66 -19.03
N PHE A 513 12.46 -39.17 -17.84
CA PHE A 513 12.86 -39.79 -16.60
C PHE A 513 14.23 -39.29 -16.14
N TYR A 522 18.60 -26.49 -8.02
CA TYR A 522 19.97 -26.10 -8.50
C TYR A 522 20.54 -26.72 -9.81
N PRO A 523 19.80 -26.51 -10.87
CA PRO A 523 20.09 -26.89 -12.24
C PRO A 523 21.35 -26.17 -12.79
N ASP A 524 22.01 -26.86 -13.72
CA ASP A 524 23.13 -26.29 -14.45
C ASP A 524 22.66 -25.88 -15.86
N THR A 525 23.57 -25.47 -16.72
CA THR A 525 23.27 -25.19 -18.11
C THR A 525 22.63 -26.41 -18.81
N TRP A 526 21.51 -26.20 -19.48
CA TRP A 526 20.86 -27.26 -20.24
C TRP A 526 20.40 -26.67 -21.56
N VAL A 527 20.61 -27.42 -22.62
CA VAL A 527 20.12 -27.03 -23.94
C VAL A 527 19.40 -28.20 -24.60
N CYS A 528 18.62 -27.88 -25.62
CA CYS A 528 17.73 -28.87 -26.23
C CYS A 528 18.52 -30.14 -26.70
N SER A 529 19.72 -29.97 -27.25
CA SER A 529 20.41 -31.13 -27.83
C SER A 529 20.88 -32.15 -26.79
N MET A 530 20.86 -31.79 -25.51
CA MET A 530 21.11 -32.73 -24.43
C MET A 530 19.95 -33.68 -24.11
N ASN A 531 18.78 -33.42 -24.66
CA ASN A 531 17.60 -34.24 -24.42
C ASN A 531 17.71 -35.56 -25.19
N PRO A 532 17.56 -36.72 -24.52
CA PRO A 532 17.59 -37.99 -25.25
C PRO A 532 16.35 -38.26 -26.08
N ASP A 533 15.27 -37.51 -25.89
CA ASP A 533 14.05 -37.66 -26.69
C ASP A 533 14.27 -37.14 -28.11
N PRO A 534 14.24 -38.03 -29.13
CA PRO A 534 14.53 -37.56 -30.50
C PRO A 534 13.53 -36.53 -31.06
N GLU A 535 12.35 -36.39 -30.46
CA GLU A 535 11.37 -35.42 -30.94
C GLU A 535 11.56 -33.99 -30.41
N GLN A 536 12.36 -33.82 -29.36
CA GLN A 536 12.57 -32.50 -28.74
C GLN A 536 14.05 -32.16 -28.65
N ASP A 537 14.85 -32.80 -29.49
CA ASP A 537 16.27 -32.84 -29.29
C ASP A 537 17.08 -31.77 -30.04
N ARG A 538 16.40 -30.74 -30.49
CA ARG A 538 17.03 -29.67 -31.23
C ARG A 538 16.24 -28.42 -30.89
N CYS A 539 16.91 -27.27 -30.88
CA CYS A 539 16.24 -26.02 -30.60
C CYS A 539 15.15 -25.73 -31.65
N GLU A 540 15.29 -26.25 -32.85
CA GLU A 540 14.34 -25.98 -33.90
C GLU A 540 13.07 -26.83 -33.73
N ALA A 541 13.10 -27.91 -32.95
CA ALA A 541 11.87 -28.70 -32.70
C ALA A 541 10.86 -27.81 -31.99
N SER A 542 9.62 -27.83 -32.46
CA SER A 542 8.61 -26.94 -31.91
C SER A 542 8.28 -27.30 -30.46
N GLU A 543 7.88 -26.30 -29.69
CA GLU A 543 7.58 -26.51 -28.28
C GLU A 543 6.28 -27.24 -28.09
N GLN A 544 6.27 -28.29 -27.30
CA GLN A 544 5.03 -29.04 -27.04
C GLN A 544 4.34 -28.39 -25.87
N LYS A 545 3.04 -28.27 -25.94
CA LYS A 545 2.27 -27.66 -24.86
C LYS A 545 1.83 -28.77 -23.89
N GLN A 546 1.96 -28.57 -22.58
CA GLN A 546 1.21 -29.33 -21.57
C GLN A 546 -0.25 -29.39 -21.97
N LYS A 547 -0.82 -30.57 -22.16
CA LYS A 547 -2.25 -30.65 -22.38
C LYS A 547 -2.86 -31.11 -21.05
N VAL A 548 -3.21 -30.10 -20.26
CA VAL A 548 -3.94 -30.29 -19.02
C VAL A 548 -5.36 -30.68 -19.37
N PRO A 549 -5.81 -31.84 -18.91
CA PRO A 549 -7.17 -32.27 -19.27
C PRO A 549 -8.25 -31.34 -18.71
N LEU A 550 -9.37 -31.31 -19.40
CA LEU A 550 -10.48 -30.45 -19.06
C LEU A 550 -11.48 -31.18 -18.15
N GLY A 551 -11.91 -30.54 -17.07
CA GLY A 551 -13.01 -31.01 -16.25
C GLY A 551 -14.20 -30.12 -16.43
N THR A 552 -15.35 -30.51 -15.89
CA THR A 552 -16.57 -29.72 -16.04
C THR A 552 -17.25 -29.58 -14.68
N PHE A 553 -17.89 -28.45 -14.51
CA PHE A 553 -18.60 -28.12 -13.29
C PHE A 553 -19.95 -27.52 -13.60
N ARG A 554 -20.98 -28.04 -12.93
CA ARG A 554 -22.37 -27.59 -13.03
C ARG A 554 -22.73 -26.92 -14.35
N MET B 4 21.48 23.27 4.01
CA MET B 4 22.88 22.72 4.02
C MET B 4 23.29 22.21 2.60
N ALA B 5 22.97 22.99 1.55
CA ALA B 5 23.24 22.61 0.13
C ALA B 5 24.66 23.02 -0.40
N PHE B 6 25.43 22.00 -0.84
CA PHE B 6 26.84 22.08 -1.39
C PHE B 6 26.98 23.09 -2.57
N THR B 7 26.16 22.90 -3.61
CA THR B 7 26.26 23.61 -4.91
C THR B 7 24.79 23.97 -5.29
N ASN B 8 24.55 24.49 -6.49
CA ASN B 8 23.20 24.93 -6.86
C ASN B 8 22.53 23.81 -7.66
N TYR B 9 21.40 23.30 -7.18
CA TYR B 9 20.70 22.18 -7.76
C TYR B 9 19.49 22.56 -8.60
N SER B 10 19.31 23.84 -8.92
CA SER B 10 18.09 24.26 -9.57
C SER B 10 17.87 23.69 -11.00
N SER B 11 18.95 23.37 -11.72
CA SER B 11 18.81 22.79 -13.03
C SER B 11 18.54 21.25 -12.99
N LEU B 12 18.65 20.62 -11.83
CA LEU B 12 18.53 19.17 -11.80
C LEU B 12 17.05 18.68 -11.89
N ASN B 13 16.87 17.49 -12.44
CA ASN B 13 15.56 16.85 -12.53
C ASN B 13 14.94 16.63 -11.17
N ARG B 14 13.64 16.86 -11.09
CA ARG B 14 12.83 16.56 -9.91
C ARG B 14 11.90 15.41 -10.21
N ALA B 15 11.68 14.53 -9.23
CA ALA B 15 10.66 13.52 -9.40
C ALA B 15 9.37 14.25 -9.41
N GLN B 16 8.42 13.87 -10.26
CA GLN B 16 7.14 14.55 -10.31
C GLN B 16 5.97 13.60 -10.11
N LEU B 17 4.85 14.14 -9.66
CA LEU B 17 3.60 13.37 -9.50
C LEU B 17 2.79 13.55 -10.76
N THR B 18 2.29 12.48 -11.36
CA THR B 18 1.37 12.63 -12.49
C THR B 18 -0.06 12.31 -12.06
N PHE B 19 -1.01 12.70 -12.89
CA PHE B 19 -2.42 12.48 -12.66
C PHE B 19 -2.76 11.02 -12.29
N GLU B 20 -2.23 10.08 -13.03
CA GLU B 20 -2.50 8.67 -12.77
C GLU B 20 -2.01 8.20 -11.42
N TYR B 21 -1.05 8.91 -10.84
CA TYR B 21 -0.59 8.52 -9.50
C TYR B 21 -1.67 8.61 -8.46
N LEU B 22 -2.63 9.53 -8.64
CA LEU B 22 -3.73 9.64 -7.71
C LEU B 22 -4.48 8.32 -7.61
N HIS B 23 -4.66 7.65 -8.73
CA HIS B 23 -5.23 6.31 -8.74
C HIS B 23 -4.29 5.27 -8.15
N THR B 24 -3.04 5.32 -8.52
CA THR B 24 -2.06 4.31 -8.00
C THR B 24 -2.08 4.34 -6.49
N ASN B 25 -2.02 5.53 -5.96
CA ASN B 25 -1.97 5.77 -4.48
C ASN B 25 -3.22 5.24 -3.82
N SER B 26 -4.35 5.45 -4.45
CA SER B 26 -5.64 4.97 -3.91
C SER B 26 -5.80 3.46 -3.87
N THR B 27 -5.10 2.72 -4.71
CA THR B 27 -5.19 1.25 -4.70
C THR B 27 -4.62 0.59 -3.44
N THR B 28 -3.97 1.36 -2.57
CA THR B 28 -3.56 0.88 -1.28
C THR B 28 -4.76 0.42 -0.41
N HIS B 29 -5.94 0.98 -0.64
CA HIS B 29 -7.11 0.70 0.21
C HIS B 29 -8.01 -0.37 -0.38
N GLU B 30 -7.67 -1.64 -0.21
CA GLU B 30 -8.61 -2.69 -0.58
C GLU B 30 -9.79 -2.75 0.40
N PHE B 31 -9.53 -2.41 1.68
CA PHE B 31 -10.58 -2.27 2.69
C PHE B 31 -11.14 -0.84 2.59
N LEU B 32 -12.34 -0.69 2.04
CA LEU B 32 -12.84 0.64 1.75
C LEU B 32 -13.03 1.49 3.01
N PHE B 33 -13.43 0.87 4.13
CA PHE B 33 -13.57 1.67 5.34
C PHE B 33 -12.23 2.26 5.82
N GLY B 34 -11.13 1.63 5.48
CA GLY B 34 -9.83 2.17 5.86
C GLY B 34 -9.51 3.45 5.10
N ALA B 35 -10.12 3.64 3.95
CA ALA B 35 -10.04 4.96 3.25
C ALA B 35 -10.83 6.07 3.97
N LEU B 36 -12.04 5.73 4.43
CA LEU B 36 -12.83 6.64 5.23
C LEU B 36 -12.10 6.97 6.57
N ALA B 37 -11.44 5.98 7.16
CA ALA B 37 -10.73 6.18 8.43
C ALA B 37 -9.64 7.21 8.31
N GLU B 38 -9.00 7.36 7.16
CA GLU B 38 -8.01 8.40 7.01
C GLU B 38 -8.59 9.80 7.29
N LEU B 39 -9.80 10.07 6.82
CA LEU B 39 -10.38 11.38 7.02
C LEU B 39 -10.82 11.57 8.48
N VAL B 40 -11.25 10.50 9.12
CA VAL B 40 -11.61 10.56 10.54
C VAL B 40 -10.37 10.82 11.37
N ASP B 41 -9.27 10.13 11.06
CA ASP B 41 -7.96 10.38 11.69
C ASP B 41 -7.51 11.84 11.60
N ASN B 42 -7.72 12.45 10.43
CA ASN B 42 -7.33 13.86 10.26
C ASN B 42 -8.15 14.77 11.17
N ALA B 43 -9.44 14.48 11.34
CA ALA B 43 -10.26 15.29 12.27
C ALA B 43 -9.80 15.10 13.70
N ARG B 44 -9.52 13.86 14.09
CA ARG B 44 -9.04 13.60 15.45
C ARG B 44 -7.70 14.35 15.71
N ASP B 45 -6.79 14.28 14.77
CA ASP B 45 -5.49 14.96 14.88
C ASP B 45 -5.66 16.49 14.94
N ALA B 46 -6.71 17.04 14.33
CA ALA B 46 -6.99 18.47 14.39
C ALA B 46 -7.75 18.88 15.66
N ASP B 47 -7.81 17.99 16.66
CA ASP B 47 -8.45 18.24 17.94
C ASP B 47 -9.93 18.55 17.81
N ALA B 48 -10.58 17.94 16.81
CA ALA B 48 -12.00 17.99 16.76
C ALA B 48 -12.65 17.35 18.00
N THR B 49 -13.71 18.00 18.50
CA THR B 49 -14.59 17.36 19.50
C THR B 49 -15.75 16.62 18.84
N ARG B 50 -15.96 16.85 17.55
CA ARG B 50 -17.04 16.19 16.87
C ARG B 50 -16.69 16.05 15.37
N ILE B 51 -17.03 14.92 14.77
CA ILE B 51 -17.07 14.81 13.30
C ILE B 51 -18.44 14.29 12.89
N ASP B 52 -19.01 14.93 11.86
CA ASP B 52 -20.26 14.48 11.24
C ASP B 52 -19.92 13.90 9.88
N ILE B 53 -20.32 12.67 9.66
CA ILE B 53 -20.14 12.00 8.37
C ILE B 53 -21.55 11.80 7.86
N TYR B 54 -21.84 12.40 6.73
CA TYR B 54 -23.21 12.36 6.23
C TYR B 54 -23.23 12.41 4.71
N ALA B 55 -24.38 12.05 4.15
CA ALA B 55 -24.59 12.03 2.72
C ALA B 55 -25.41 13.24 2.31
N GLU B 56 -25.08 13.83 1.17
CA GLU B 56 -25.90 14.85 0.57
C GLU B 56 -26.37 14.34 -0.78
N ARG B 57 -27.67 14.16 -0.96
CA ARG B 57 -28.19 13.59 -2.21
C ARG B 57 -28.00 14.52 -3.39
N ARG B 58 -27.47 13.98 -4.48
CA ARG B 58 -27.16 14.76 -5.69
C ARG B 58 -27.28 13.81 -6.85
N GLU B 59 -28.47 13.77 -7.42
CA GLU B 59 -28.81 12.81 -8.48
C GLU B 59 -27.98 13.01 -9.76
N ASP B 60 -27.50 14.22 -9.98
CA ASP B 60 -26.65 14.56 -11.10
C ASP B 60 -25.17 14.09 -10.97
N LEU B 61 -24.78 13.64 -9.78
CA LEU B 61 -23.39 13.19 -9.55
C LEU B 61 -23.33 11.68 -9.50
N ARG B 62 -22.20 11.11 -9.92
CA ARG B 62 -22.05 9.65 -9.97
C ARG B 62 -22.24 9.02 -8.57
N GLY B 63 -23.11 8.04 -8.47
CA GLY B 63 -23.45 7.39 -7.22
C GLY B 63 -24.62 8.02 -6.52
N GLY B 64 -25.07 9.20 -6.96
CA GLY B 64 -26.29 9.83 -6.49
C GLY B 64 -26.19 10.59 -5.18
N PHE B 65 -25.01 10.60 -4.54
CA PHE B 65 -24.80 11.41 -3.34
C PHE B 65 -23.34 11.76 -3.16
N MET B 66 -23.09 12.81 -2.38
CA MET B 66 -21.76 13.20 -1.97
C MET B 66 -21.56 12.78 -0.52
N LEU B 67 -20.36 12.32 -0.21
CA LEU B 67 -20.01 11.89 1.14
C LEU B 67 -19.26 13.02 1.83
N CYS B 68 -19.82 13.52 2.92
CA CYS B 68 -19.34 14.73 3.62
C CYS B 68 -18.77 14.42 5.00
N PHE B 69 -17.63 15.03 5.29
CA PHE B 69 -16.96 14.90 6.59
C PHE B 69 -16.77 16.28 7.18
N LEU B 70 -17.53 16.60 8.23
CA LEU B 70 -17.53 17.94 8.81
C LEU B 70 -17.04 17.86 10.22
N ASP B 71 -15.95 18.56 10.52
CA ASP B 71 -15.39 18.53 11.89
C ASP B 71 -15.25 19.95 12.43
N ASP B 72 -15.18 20.05 13.74
CA ASP B 72 -15.03 21.35 14.43
C ASP B 72 -13.61 21.50 14.96
N GLY B 73 -12.65 20.89 14.29
CA GLY B 73 -11.26 20.98 14.73
C GLY B 73 -10.62 22.31 14.38
N ALA B 74 -9.31 22.35 14.50
CA ALA B 74 -8.52 23.54 14.40
C ALA B 74 -8.50 24.18 13.01
N GLY B 75 -8.95 23.44 11.98
CA GLY B 75 -9.00 24.01 10.63
C GLY B 75 -7.60 24.22 10.07
N MET B 76 -7.54 24.90 8.94
CA MET B 76 -6.28 25.13 8.26
C MET B 76 -6.19 26.57 7.75
N ASP B 77 -5.05 27.20 7.98
CA ASP B 77 -4.77 28.48 7.35
C ASP B 77 -4.30 28.20 5.91
N PRO B 78 -4.10 29.25 5.11
CA PRO B 78 -3.80 28.99 3.69
C PRO B 78 -2.53 28.21 3.47
N SER B 79 -1.52 28.36 4.32
CA SER B 79 -0.31 27.59 4.10
C SER B 79 -0.47 26.12 4.59
N ASP B 80 -1.22 25.90 5.65
CA ASP B 80 -1.61 24.52 6.02
C ASP B 80 -2.36 23.85 4.86
N ALA B 81 -3.29 24.57 4.24
CA ALA B 81 -4.07 24.00 3.15
C ALA B 81 -3.16 23.65 1.98
N ALA B 82 -2.20 24.51 1.66
CA ALA B 82 -1.29 24.26 0.54
C ALA B 82 -0.39 23.04 0.86
N SER B 83 -0.07 22.80 2.13
CA SER B 83 0.80 21.66 2.44
C SER B 83 0.05 20.30 2.33
N VAL B 84 -1.28 20.32 2.27
CA VAL B 84 -2.04 19.11 1.95
C VAL B 84 -1.54 18.42 0.66
N ILE B 85 -1.21 19.19 -0.37
CA ILE B 85 -0.74 18.61 -1.63
C ILE B 85 0.78 18.49 -1.77
N GLN B 86 1.49 18.65 -0.67
CA GLN B 86 2.90 18.30 -0.56
C GLN B 86 2.92 16.88 -0.08
N PHE B 87 2.99 15.93 -1.01
CA PHE B 87 2.91 14.51 -0.64
C PHE B 87 4.12 14.13 0.24
N GLY B 88 3.85 13.56 1.39
CA GLY B 88 4.92 13.25 2.38
C GLY B 88 5.04 14.43 3.35
N LYS B 89 5.41 14.31 4.56
CA LYS B 89 5.03 15.52 5.37
C LYS B 89 5.75 15.51 6.61
N LEU B 90 5.43 16.53 7.38
CA LEU B 90 5.51 16.68 8.87
C LEU B 90 6.42 17.83 9.26
N THR B 98 2.46 12.17 18.98
CA THR B 98 1.33 11.24 19.17
C THR B 98 0.06 11.53 18.29
N GLN B 99 0.28 12.33 17.27
CA GLN B 99 -0.61 12.44 16.14
C GLN B 99 -0.62 11.10 15.43
N ILE B 100 -1.76 10.74 14.83
CA ILE B 100 -1.85 9.60 13.94
C ILE B 100 -1.10 9.90 12.63
N GLY B 101 -1.30 11.10 12.09
CA GLY B 101 -0.71 11.51 10.82
C GLY B 101 0.79 11.55 10.87
N GLN B 102 1.46 10.82 9.99
CA GLN B 102 2.89 10.88 9.85
C GLN B 102 3.39 10.74 8.42
N TYR B 103 2.58 10.21 7.51
CA TYR B 103 3.06 9.87 6.19
C TYR B 103 2.79 10.94 5.15
N GLY B 104 1.96 11.93 5.46
CA GLY B 104 1.62 13.01 4.51
C GLY B 104 0.86 12.55 3.26
N ASN B 105 -0.03 11.58 3.42
CA ASN B 105 -0.63 10.90 2.30
C ASN B 105 -2.12 10.58 2.46
N GLY B 106 -2.58 10.33 3.68
CA GLY B 106 -3.85 9.67 3.93
C GLY B 106 -5.06 10.32 3.32
N LEU B 107 -5.15 11.63 3.39
CA LEU B 107 -6.29 12.29 2.78
C LEU B 107 -6.35 12.03 1.28
N LYS B 108 -5.19 11.97 0.64
CA LYS B 108 -5.12 11.78 -0.82
C LYS B 108 -5.38 10.32 -1.18
N SER B 109 -4.81 9.37 -0.44
CA SER B 109 -5.06 8.00 -0.77
C SER B 109 -6.52 7.62 -0.48
N GLY B 110 -7.02 8.06 0.66
CA GLY B 110 -8.38 7.72 1.07
C GLY B 110 -9.48 8.34 0.17
N SER B 111 -9.37 9.63 -0.07
CA SER B 111 -10.40 10.30 -0.86
C SER B 111 -10.46 9.71 -2.27
N MET B 112 -9.32 9.40 -2.87
CA MET B 112 -9.29 8.95 -4.24
C MET B 112 -9.66 7.47 -4.36
N ARG B 113 -9.73 6.76 -3.25
CA ARG B 113 -10.30 5.43 -3.24
C ARG B 113 -11.85 5.51 -3.26
N ILE B 114 -12.39 6.48 -2.54
CA ILE B 114 -13.82 6.59 -2.37
C ILE B 114 -14.52 7.20 -3.60
N GLY B 115 -13.94 8.25 -4.16
CA GLY B 115 -14.61 8.97 -5.26
C GLY B 115 -13.63 9.53 -6.23
N LYS B 116 -14.15 10.00 -7.36
CA LYS B 116 -13.30 10.59 -8.36
C LYS B 116 -12.73 11.93 -7.93
N ASP B 117 -13.53 12.74 -7.25
CA ASP B 117 -13.23 14.14 -6.97
C ASP B 117 -13.44 14.43 -5.49
N PHE B 118 -12.73 15.41 -4.96
CA PHE B 118 -13.11 16.00 -3.68
C PHE B 118 -12.91 17.47 -3.65
N ILE B 119 -13.67 18.13 -2.78
CA ILE B 119 -13.53 19.55 -2.54
C ILE B 119 -13.55 19.72 -1.04
N LEU B 120 -12.59 20.47 -0.52
CA LEU B 120 -12.48 20.66 0.90
C LEU B 120 -12.65 22.15 1.24
N PHE B 121 -13.34 22.44 2.34
CA PHE B 121 -13.54 23.80 2.80
C PHE B 121 -12.99 23.83 4.20
N THR B 122 -12.19 24.84 4.52
CA THR B 122 -11.63 24.91 5.86
C THR B 122 -11.57 26.35 6.30
N LYS B 123 -11.60 26.57 7.61
CA LYS B 123 -11.58 27.90 8.18
C LYS B 123 -10.70 27.92 9.40
N LYS B 124 -9.94 28.98 9.53
CA LYS B 124 -9.08 29.21 10.68
C LYS B 124 -8.83 30.69 10.82
N GLU B 125 -9.06 31.19 12.03
CA GLU B 125 -8.91 32.61 12.35
C GLU B 125 -9.67 33.45 11.37
N ASP B 126 -9.01 34.24 10.54
CA ASP B 126 -9.77 35.12 9.68
C ASP B 126 -9.76 34.70 8.23
N THR B 127 -9.34 33.47 7.95
CA THR B 127 -9.29 32.99 6.58
C THR B 127 -10.18 31.77 6.41
N MET B 128 -10.62 31.58 5.19
CA MET B 128 -11.19 30.31 4.83
C MET B 128 -10.76 29.96 3.41
N THR B 129 -10.43 28.69 3.21
CA THR B 129 -9.75 28.23 2.02
C THR B 129 -10.53 27.07 1.44
N CYS B 130 -10.57 27.03 0.12
CA CYS B 130 -11.10 25.89 -0.61
C CYS B 130 -9.94 25.18 -1.32
N LEU B 131 -9.90 23.86 -1.19
CA LEU B 131 -8.92 23.03 -1.92
C LEU B 131 -9.76 22.09 -2.77
N PHE B 132 -9.53 22.10 -4.08
CA PHE B 132 -10.36 21.36 -5.02
C PHE B 132 -9.50 20.38 -5.80
N LEU B 133 -9.76 19.08 -5.61
CA LEU B 133 -9.00 18.06 -6.35
C LEU B 133 -9.97 17.38 -7.30
N SER B 134 -9.89 17.78 -8.57
CA SER B 134 -10.87 17.35 -9.56
C SER B 134 -10.23 16.48 -10.61
N ARG B 135 -10.40 15.18 -10.49
CA ARG B 135 -9.91 14.30 -11.55
C ARG B 135 -10.81 14.49 -12.79
N THR B 136 -12.06 14.85 -12.58
CA THR B 136 -12.94 15.14 -13.74
C THR B 136 -12.31 16.21 -14.63
N PHE B 137 -11.87 17.29 -14.01
CA PHE B 137 -11.16 18.36 -14.71
C PHE B 137 -9.94 17.85 -15.48
N HIS B 138 -9.10 17.06 -14.81
CA HIS B 138 -7.88 16.62 -15.43
C HIS B 138 -8.17 15.74 -16.62
N GLU B 139 -9.17 14.87 -16.50
CA GLU B 139 -9.59 14.02 -17.62
C GLU B 139 -10.18 14.82 -18.77
N GLU B 140 -11.10 15.74 -18.48
CA GLU B 140 -11.77 16.49 -19.55
C GLU B 140 -10.78 17.36 -20.33
N GLU B 141 -9.79 17.90 -19.66
CA GLU B 141 -8.89 18.86 -20.28
C GLU B 141 -7.49 18.30 -20.58
N GLY B 142 -7.30 17.00 -20.42
CA GLY B 142 -6.04 16.32 -20.76
C GLY B 142 -4.84 16.80 -19.99
N ILE B 143 -4.96 16.94 -18.68
CA ILE B 143 -3.90 17.45 -17.81
C ILE B 143 -3.23 16.28 -17.11
N ASP B 144 -1.93 16.21 -17.27
CA ASP B 144 -1.16 15.08 -16.76
C ASP B 144 -0.38 15.39 -15.50
N GLU B 145 -0.22 16.66 -15.19
CA GLU B 145 0.21 17.07 -13.89
C GLU B 145 -0.97 16.96 -12.90
N VAL B 146 -0.76 17.36 -11.66
CA VAL B 146 -1.84 17.43 -10.68
C VAL B 146 -1.96 18.91 -10.28
N ILE B 147 -2.96 19.58 -10.85
CA ILE B 147 -3.21 21.01 -10.67
C ILE B 147 -4.36 21.20 -9.70
N VAL B 148 -4.17 22.03 -8.67
CA VAL B 148 -5.12 22.12 -7.58
C VAL B 148 -5.53 23.58 -7.28
N PRO B 149 -6.78 23.97 -7.62
CA PRO B 149 -7.24 25.28 -7.15
C PRO B 149 -7.23 25.38 -5.62
N LEU B 150 -6.72 26.50 -5.12
CA LEU B 150 -6.57 26.76 -3.69
C LEU B 150 -6.96 28.23 -3.31
N PRO B 151 -8.16 28.68 -3.65
CA PRO B 151 -8.53 30.07 -3.30
C PRO B 151 -8.83 30.27 -1.81
N THR B 152 -8.48 31.46 -1.31
CA THR B 152 -8.70 31.83 0.09
C THR B 152 -9.53 33.10 0.10
N TRP B 153 -10.51 33.16 1.03
CA TRP B 153 -11.27 34.37 1.29
C TRP B 153 -11.10 34.81 2.74
N ASN B 154 -11.35 36.10 2.99
CA ASN B 154 -11.40 36.59 4.37
C ASN B 154 -12.69 36.09 5.02
N ALA B 155 -12.59 35.51 6.21
CA ALA B 155 -13.73 34.85 6.85
C ALA B 155 -14.81 35.82 7.30
N ARG B 156 -14.45 37.08 7.57
CA ARG B 156 -15.41 38.09 8.04
C ARG B 156 -16.01 38.92 6.90
N THR B 157 -15.18 39.33 5.95
CA THR B 157 -15.65 40.18 4.88
C THR B 157 -16.02 39.43 3.59
N ARG B 158 -15.50 38.22 3.41
CA ARG B 158 -15.63 37.44 2.17
C ARG B 158 -14.92 38.03 0.97
N GLU B 159 -13.96 38.91 1.21
CA GLU B 159 -13.10 39.38 0.13
C GLU B 159 -12.09 38.30 -0.18
N PRO B 160 -11.73 38.13 -1.46
CA PRO B 160 -10.59 37.28 -1.78
C PRO B 160 -9.32 37.74 -1.09
N VAL B 161 -8.51 36.79 -0.64
CA VAL B 161 -7.17 37.03 -0.13
C VAL B 161 -6.26 36.34 -1.12
N THR B 162 -5.61 37.13 -1.97
CA THR B 162 -4.79 36.54 -2.99
C THR B 162 -3.75 37.55 -3.45
N ASP B 163 -2.55 37.07 -3.71
CA ASP B 163 -1.50 37.88 -4.33
C ASP B 163 -1.56 37.89 -5.85
N ASN B 164 -2.59 37.30 -6.46
CA ASN B 164 -2.66 37.20 -7.91
C ASN B 164 -4.12 37.02 -8.30
N VAL B 165 -4.76 38.11 -8.67
CA VAL B 165 -6.19 38.08 -8.94
C VAL B 165 -6.52 37.30 -10.19
N GLU B 166 -5.61 37.28 -11.16
CA GLU B 166 -5.83 36.46 -12.34
C GLU B 166 -5.88 34.95 -11.95
N LYS B 167 -4.94 34.51 -11.12
CA LYS B 167 -4.92 33.14 -10.63
C LYS B 167 -6.20 32.85 -9.87
N PHE B 168 -6.60 33.78 -9.00
CA PHE B 168 -7.80 33.59 -8.20
C PHE B 168 -9.07 33.40 -9.09
N ALA B 169 -9.14 34.14 -10.18
CA ALA B 169 -10.26 34.02 -11.10
C ALA B 169 -10.28 32.66 -11.80
N ILE B 170 -9.14 32.17 -12.20
CA ILE B 170 -9.06 30.86 -12.84
C ILE B 170 -9.43 29.76 -11.83
N GLU B 171 -8.92 29.88 -10.61
CA GLU B 171 -9.19 28.88 -9.54
C GLU B 171 -10.67 28.75 -9.27
N THR B 172 -11.32 29.89 -9.03
CA THR B 172 -12.76 29.88 -8.75
C THR B 172 -13.59 29.45 -9.94
N GLU B 173 -13.21 29.87 -11.13
CA GLU B 173 -13.92 29.39 -12.33
C GLU B 173 -13.87 27.88 -12.50
N LEU B 174 -12.72 27.28 -12.18
CA LEU B 174 -12.63 25.82 -12.16
C LEU B 174 -13.60 25.19 -11.16
N ILE B 175 -13.67 25.76 -9.97
CA ILE B 175 -14.58 25.30 -8.95
C ILE B 175 -16.02 25.43 -9.43
N TYR B 176 -16.38 26.57 -10.02
CA TYR B 176 -17.78 26.77 -10.47
C TYR B 176 -18.13 25.90 -11.66
N LYS B 177 -17.14 25.54 -12.47
CA LYS B 177 -17.39 24.65 -13.59
C LYS B 177 -17.50 23.17 -13.21
N TYR B 178 -16.56 22.70 -12.40
CA TYR B 178 -16.42 21.25 -12.17
C TYR B 178 -16.93 20.74 -10.82
N SER B 179 -17.10 21.61 -9.84
CA SER B 179 -17.48 21.18 -8.50
C SER B 179 -18.99 21.03 -8.40
N PRO B 180 -19.49 20.55 -7.24
CA PRO B 180 -20.94 20.55 -7.05
C PRO B 180 -21.56 21.97 -6.88
N PHE B 181 -20.75 23.01 -6.75
CA PHE B 181 -21.19 24.32 -6.34
C PHE B 181 -20.85 25.31 -7.45
N ARG B 182 -21.88 25.88 -8.07
CA ARG B 182 -21.77 26.60 -9.36
C ARG B 182 -21.56 28.10 -9.25
N THR B 183 -21.62 28.66 -8.04
CA THR B 183 -21.51 30.10 -7.83
C THR B 183 -20.79 30.37 -6.55
N GLU B 184 -20.31 31.59 -6.39
CA GLU B 184 -19.69 32.00 -5.13
C GLU B 184 -20.64 31.85 -3.95
N GLU B 185 -21.91 32.16 -4.18
CA GLU B 185 -22.93 32.04 -3.13
C GLU B 185 -23.05 30.58 -2.65
N GLU B 186 -23.03 29.64 -3.59
CA GLU B 186 -23.12 28.22 -3.23
C GLU B 186 -21.88 27.78 -2.45
N VAL B 187 -20.72 28.29 -2.82
CA VAL B 187 -19.49 27.99 -2.10
C VAL B 187 -19.56 28.57 -0.68
N MET B 188 -20.03 29.81 -0.54
CA MET B 188 -20.17 30.43 0.79
C MET B 188 -21.15 29.66 1.69
N THR B 189 -22.20 29.12 1.11
CA THR B 189 -23.10 28.24 1.85
C THR B 189 -22.36 27.04 2.47
N GLN B 190 -21.39 26.47 1.76
CA GLN B 190 -20.58 25.38 2.33
C GLN B 190 -19.70 25.89 3.47
N PHE B 191 -19.05 27.04 3.28
CA PHE B 191 -18.24 27.59 4.35
C PHE B 191 -19.08 27.87 5.58
N MET B 192 -20.34 28.24 5.40
CA MET B 192 -21.19 28.51 6.54
C MET B 192 -21.59 27.27 7.28
N LYS B 193 -21.46 26.08 6.70
CA LYS B 193 -21.66 24.82 7.48
C LYS B 193 -20.62 24.58 8.59
N ILE B 194 -19.51 25.30 8.55
CA ILE B 194 -18.51 25.26 9.63
C ILE B 194 -18.90 26.36 10.61
N PRO B 195 -19.64 26.02 11.69
CA PRO B 195 -20.26 27.12 12.46
C PRO B 195 -19.36 27.88 13.44
N GLY B 196 -18.29 27.24 13.94
CA GLY B 196 -17.41 27.87 14.90
C GLY B 196 -16.37 28.79 14.27
N ASP B 197 -15.35 29.13 15.01
CA ASP B 197 -14.25 29.92 14.50
C ASP B 197 -13.33 29.06 13.59
N SER B 198 -13.37 27.72 13.74
CA SER B 198 -12.54 26.87 12.91
C SER B 198 -13.17 25.53 12.65
N GLY B 199 -12.69 24.87 11.59
CA GLY B 199 -13.13 23.53 11.26
C GLY B 199 -12.95 23.26 9.77
N THR B 200 -13.39 22.08 9.35
CA THR B 200 -13.06 21.58 8.01
C THR B 200 -14.24 20.72 7.54
N LEU B 201 -14.57 20.90 6.28
CA LEU B 201 -15.60 20.12 5.60
C LEU B 201 -14.96 19.51 4.35
N VAL B 202 -14.91 18.19 4.30
CA VAL B 202 -14.37 17.47 3.13
C VAL B 202 -15.54 16.82 2.43
N ILE B 203 -15.65 17.05 1.15
CA ILE B 203 -16.77 16.50 0.37
C ILE B 203 -16.21 15.66 -0.76
N ILE B 204 -16.50 14.37 -0.73
CA ILE B 204 -16.05 13.48 -1.78
C ILE B 204 -17.24 13.23 -2.69
N PHE B 205 -17.06 13.34 -3.99
CA PHE B 205 -18.17 13.14 -4.88
C PHE B 205 -17.75 12.44 -6.17
N ASN B 206 -18.74 12.13 -7.01
CA ASN B 206 -18.59 11.19 -8.09
C ASN B 206 -17.98 9.89 -7.54
N LEU B 207 -18.77 9.24 -6.70
CA LEU B 207 -18.35 8.06 -5.98
C LEU B 207 -18.23 6.88 -6.91
N LYS B 208 -17.35 5.96 -6.52
CA LYS B 208 -17.11 4.79 -7.35
C LYS B 208 -18.35 3.89 -7.36
N LEU B 209 -18.56 3.26 -8.50
CA LEU B 209 -19.69 2.37 -8.74
C LEU B 209 -19.25 0.93 -8.88
N MET B 210 -20.10 0.02 -8.44
CA MET B 210 -19.97 -1.37 -8.77
C MET B 210 -20.44 -1.65 -10.20
N ASP B 211 -20.19 -2.85 -10.69
CA ASP B 211 -20.58 -3.21 -12.05
C ASP B 211 -22.10 -3.06 -12.30
N ASN B 212 -22.93 -3.20 -11.27
CA ASN B 212 -24.37 -3.00 -11.46
C ASN B 212 -24.80 -1.53 -11.46
N GLY B 213 -23.86 -0.59 -11.44
CA GLY B 213 -24.19 0.84 -11.45
C GLY B 213 -24.49 1.44 -10.08
N GLU B 214 -24.50 0.62 -9.01
CA GLU B 214 -24.77 1.13 -7.67
C GLU B 214 -23.46 1.55 -6.96
N PRO B 215 -23.53 2.50 -6.03
CA PRO B 215 -22.30 2.86 -5.32
C PRO B 215 -21.85 1.72 -4.41
N GLU B 216 -20.56 1.71 -4.12
CA GLU B 216 -20.01 0.74 -3.16
C GLU B 216 -20.55 0.94 -1.73
N LEU B 217 -20.88 2.17 -1.39
CA LEU B 217 -21.36 2.52 -0.08
C LEU B 217 -22.90 2.57 -0.12
N ASP B 218 -23.51 1.81 0.77
CA ASP B 218 -24.97 1.70 0.90
C ASP B 218 -25.43 2.51 2.12
N ILE B 219 -26.12 3.62 1.84
CA ILE B 219 -26.66 4.46 2.88
C ILE B 219 -28.20 4.31 2.98
N ILE B 220 -28.77 3.36 2.25
CA ILE B 220 -30.22 3.20 2.15
C ILE B 220 -30.72 2.12 3.10
N SER B 221 -30.06 0.97 3.14
CA SER B 221 -30.53 -0.18 3.92
C SER B 221 -30.71 0.17 5.38
N ASN B 222 -29.75 0.91 5.93
CA ASN B 222 -29.88 1.46 7.29
C ASN B 222 -29.57 2.97 7.17
N PRO B 223 -30.61 3.81 7.27
CA PRO B 223 -30.38 5.24 7.09
C PRO B 223 -29.53 5.89 8.17
N ARG B 224 -29.22 5.17 9.26
CA ARG B 224 -28.31 5.67 10.28
C ARG B 224 -26.88 5.12 10.11
N ASP B 225 -26.57 4.51 8.96
CA ASP B 225 -25.28 3.87 8.80
C ASP B 225 -24.74 4.07 7.39
N ILE B 226 -23.48 3.72 7.25
CA ILE B 226 -22.84 3.58 5.95
C ILE B 226 -22.39 2.15 5.92
N GLN B 227 -23.00 1.34 5.05
CA GLN B 227 -22.67 -0.08 5.00
C GLN B 227 -21.99 -0.39 3.67
N MET B 228 -21.21 -1.46 3.65
CA MET B 228 -20.71 -1.99 2.39
C MET B 228 -21.88 -2.57 1.61
N ALA B 229 -21.97 -2.23 0.33
CA ALA B 229 -22.99 -2.81 -0.56
C ALA B 229 -22.53 -4.13 -1.07
N GLU B 230 -22.54 -5.11 -0.21
CA GLU B 230 -22.23 -6.47 -0.60
C GLU B 230 -22.92 -7.36 0.41
N THR B 231 -23.31 -8.53 -0.05
CA THR B 231 -23.92 -9.48 0.89
C THR B 231 -22.87 -9.91 1.94
N SER B 232 -23.38 -10.08 3.15
CA SER B 232 -22.55 -10.46 4.29
C SER B 232 -22.74 -11.96 4.56
N PRO B 233 -21.71 -12.81 4.31
CA PRO B 233 -21.74 -14.19 4.82
C PRO B 233 -21.74 -14.15 6.36
N GLU B 234 -21.79 -15.28 7.05
CA GLU B 234 -21.98 -15.21 8.52
C GLU B 234 -20.85 -15.87 9.29
N GLY B 235 -19.64 -15.56 8.84
CA GLY B 235 -18.53 -15.25 9.73
C GLY B 235 -18.14 -13.79 9.55
N THR B 236 -18.99 -12.96 8.91
CA THR B 236 -18.62 -11.57 8.52
C THR B 236 -18.69 -10.64 9.72
N LYS B 237 -17.58 -10.01 10.01
CA LYS B 237 -17.47 -9.20 11.19
C LYS B 237 -18.25 -7.90 10.97
N PRO B 238 -18.99 -7.42 11.99
CA PRO B 238 -19.71 -6.14 11.86
C PRO B 238 -18.84 -4.99 11.42
N GLU B 239 -17.61 -4.93 11.92
CA GLU B 239 -16.71 -3.80 11.61
C GLU B 239 -16.24 -3.80 10.17
N ARG B 240 -16.45 -4.90 9.46
CA ARG B 240 -16.11 -4.95 8.08
C ARG B 240 -17.30 -4.68 7.16
N ARG B 241 -18.50 -4.52 7.69
CA ARG B 241 -19.62 -4.14 6.82
C ARG B 241 -20.38 -2.92 7.26
N SER B 242 -20.26 -2.51 8.52
CA SER B 242 -20.96 -1.37 9.08
C SER B 242 -19.93 -0.33 9.52
N PHE B 243 -19.95 0.86 8.92
CA PHE B 243 -19.05 1.90 9.37
C PHE B 243 -19.32 2.38 10.80
N ARG B 244 -20.57 2.34 11.23
CA ARG B 244 -20.94 2.63 12.62
C ARG B 244 -20.24 1.66 13.57
N ALA B 245 -20.16 0.39 13.22
CA ALA B 245 -19.47 -0.56 14.05
C ALA B 245 -17.96 -0.28 14.03
N TYR B 246 -17.42 -0.05 12.86
CA TYR B 246 -15.98 0.18 12.74
C TYR B 246 -15.54 1.46 13.47
N ALA B 247 -16.24 2.55 13.22
CA ALA B 247 -15.92 3.83 13.84
C ALA B 247 -15.96 3.77 15.36
N ALA B 248 -16.81 2.93 15.92
CA ALA B 248 -16.89 2.84 17.37
C ALA B 248 -15.57 2.33 18.04
N VAL B 249 -14.82 1.51 17.31
CA VAL B 249 -13.60 0.86 17.89
C VAL B 249 -12.32 1.37 17.18
N LEU B 250 -12.44 2.40 16.36
CA LEU B 250 -11.31 2.90 15.57
C LEU B 250 -10.19 3.43 16.44
N TYR B 251 -10.52 4.01 17.61
CA TYR B 251 -9.46 4.49 18.51
C TYR B 251 -9.58 3.77 19.84
N ILE B 252 -8.46 3.51 20.46
CA ILE B 252 -8.47 2.81 21.71
C ILE B 252 -8.93 3.73 22.85
N ASP B 253 -8.81 5.04 22.66
CA ASP B 253 -9.15 6.05 23.68
C ASP B 253 -10.00 7.14 23.06
N PRO B 254 -11.22 6.79 22.63
CA PRO B 254 -12.05 7.74 21.88
C PRO B 254 -12.31 8.99 22.68
N ARG B 255 -12.21 10.17 22.07
CA ARG B 255 -12.74 11.41 22.70
C ARG B 255 -13.72 12.12 21.82
N MET B 256 -13.21 12.50 20.67
CA MET B 256 -14.02 13.02 19.61
C MET B 256 -15.31 12.19 19.46
N ARG B 257 -16.42 12.90 19.36
CA ARG B 257 -17.71 12.28 19.14
C ARG B 257 -17.88 12.09 17.61
N ILE B 258 -18.45 10.98 17.21
CA ILE B 258 -18.64 10.69 15.78
C ILE B 258 -20.13 10.53 15.52
N PHE B 259 -20.63 11.21 14.50
CA PHE B 259 -22.05 11.12 14.11
C PHE B 259 -22.13 10.67 12.66
N ILE B 260 -23.01 9.73 12.37
CA ILE B 260 -23.26 9.27 10.99
C ILE B 260 -24.70 9.64 10.63
N HIS B 261 -24.88 10.47 9.60
CA HIS B 261 -26.19 10.94 9.17
C HIS B 261 -26.94 11.57 10.36
N GLY B 262 -26.22 12.28 11.21
CA GLY B 262 -26.78 12.95 12.33
C GLY B 262 -27.00 12.12 13.57
N HIS B 263 -26.66 10.83 13.55
CA HIS B 263 -26.90 9.95 14.67
C HIS B 263 -25.59 9.56 15.34
N LYS B 264 -25.50 9.77 16.65
CA LYS B 264 -24.28 9.53 17.39
C LYS B 264 -23.85 8.04 17.31
N VAL B 265 -22.56 7.84 17.11
CA VAL B 265 -21.96 6.53 17.22
C VAL B 265 -21.59 6.28 18.69
N GLN B 266 -21.95 5.11 19.23
CA GLN B 266 -21.55 4.77 20.61
C GLN B 266 -20.11 4.26 20.49
N THR B 267 -19.16 5.18 20.53
CA THR B 267 -17.77 4.80 20.60
C THR B 267 -17.51 4.06 21.89
N LYS B 268 -16.45 3.28 21.92
CA LYS B 268 -16.23 2.44 23.08
C LYS B 268 -14.78 2.11 23.24
N ARG B 269 -14.41 1.69 24.43
CA ARG B 269 -13.11 1.18 24.72
C ARG B 269 -13.35 -0.31 24.90
N LEU B 270 -12.78 -1.08 24.00
CA LEU B 270 -13.02 -2.51 24.01
C LEU B 270 -12.78 -3.19 25.32
N SER B 271 -11.74 -2.78 26.02
CA SER B 271 -11.46 -3.35 27.37
C SER B 271 -12.55 -3.12 28.39
N CYS B 272 -13.41 -2.15 28.18
CA CYS B 272 -14.51 -1.88 29.10
C CYS B 272 -15.77 -2.68 28.80
N CYS B 273 -15.77 -3.45 27.72
CA CYS B 273 -16.94 -4.17 27.24
C CYS B 273 -16.84 -5.66 27.44
N LEU B 274 -15.87 -6.11 28.22
CA LEU B 274 -15.54 -7.52 28.31
C LEU B 274 -15.64 -8.07 29.70
N TYR B 275 -15.85 -9.37 29.79
CA TYR B 275 -15.95 -10.05 31.10
C TYR B 275 -14.53 -10.33 31.63
N LYS B 276 -14.33 -10.06 32.92
CA LYS B 276 -13.06 -10.27 33.61
C LYS B 276 -11.82 -9.78 32.84
N PRO B 277 -11.77 -8.49 32.53
CA PRO B 277 -10.59 -7.99 31.82
C PRO B 277 -9.37 -8.05 32.73
N ARG B 278 -8.24 -8.45 32.18
CA ARG B 278 -6.97 -8.49 32.95
C ARG B 278 -5.83 -7.97 32.10
N MET B 279 -4.84 -7.36 32.74
CA MET B 279 -3.77 -6.71 32.01
C MET B 279 -2.48 -7.42 32.32
N TYR B 280 -1.68 -7.66 31.28
CA TYR B 280 -0.36 -8.27 31.40
C TYR B 280 0.65 -7.33 30.79
N LYS B 281 1.67 -7.01 31.56
CA LYS B 281 2.74 -6.19 31.09
C LYS B 281 3.79 -7.04 30.45
N TYR B 282 4.12 -6.70 29.20
CA TYR B 282 5.04 -7.48 28.42
C TYR B 282 6.27 -6.63 28.19
N THR B 283 7.42 -7.10 28.67
CA THR B 283 8.68 -6.38 28.49
C THR B 283 9.15 -6.59 27.06
N SER B 284 9.25 -5.51 26.31
CA SER B 284 9.58 -5.57 24.88
C SER B 284 11.05 -5.20 24.66
N SER B 285 11.85 -6.17 24.22
CA SER B 285 13.25 -5.86 23.94
C SER B 285 13.39 -4.92 22.76
N ARG B 286 12.49 -5.02 21.78
CA ARG B 286 12.44 -4.09 20.69
C ARG B 286 12.24 -2.64 21.14
N PHE B 287 11.27 -2.44 22.03
CA PHE B 287 10.99 -1.12 22.59
C PHE B 287 12.25 -0.56 23.26
N LYS B 288 12.92 -1.37 24.05
CA LYS B 288 14.11 -0.93 24.77
C LYS B 288 15.26 -0.62 23.82
N THR B 289 15.50 -1.49 22.85
CA THR B 289 16.63 -1.26 21.93
C THR B 289 16.44 -0.02 21.09
N ARG B 290 15.23 0.20 20.59
CA ARG B 290 14.96 1.40 19.79
C ARG B 290 15.03 2.68 20.60
N ALA B 291 14.57 2.64 21.86
CA ALA B 291 14.70 3.83 22.69
C ALA B 291 16.17 4.10 22.99
N GLU B 292 16.95 3.06 23.23
CA GLU B 292 18.39 3.21 23.45
C GLU B 292 19.08 3.77 22.22
N GLN B 293 18.66 3.38 21.01
CA GLN B 293 19.27 3.92 19.79
C GLN B 293 18.91 5.37 19.58
N GLU B 294 17.66 5.74 19.85
CA GLU B 294 17.23 7.14 19.78
C GLU B 294 17.97 8.03 20.78
N VAL B 295 18.40 7.47 21.91
CA VAL B 295 19.21 8.18 22.87
C VAL B 295 20.64 8.32 22.38
N LYS B 296 21.28 7.22 21.97
CA LYS B 296 22.65 7.25 21.44
C LYS B 296 22.79 8.30 20.39
N LYS B 297 21.78 8.46 19.55
CA LYS B 297 21.74 9.50 18.51
C LYS B 297 21.63 10.92 19.06
N ALA B 298 20.72 11.11 20.01
CA ALA B 298 20.55 12.44 20.63
C ALA B 298 21.80 12.86 21.38
N GLU B 299 22.48 11.89 21.98
CA GLU B 299 23.71 12.19 22.73
C GLU B 299 24.89 12.44 21.81
N HIS B 300 24.88 11.85 20.62
CA HIS B 300 25.88 12.22 19.62
C HIS B 300 25.62 13.62 19.06
N VAL B 301 24.37 13.94 18.81
CA VAL B 301 24.01 15.27 18.32
C VAL B 301 24.35 16.37 19.36
N ALA B 302 24.12 16.11 20.64
CA ALA B 302 24.48 17.07 21.66
C ALA B 302 25.99 17.12 21.86
N ARG B 303 26.69 16.02 21.66
CA ARG B 303 28.13 15.98 21.80
C ARG B 303 28.82 16.85 20.74
N ILE B 304 28.40 16.74 19.49
CA ILE B 304 29.00 17.53 18.42
C ILE B 304 28.76 19.02 18.66
N ALA B 305 27.53 19.36 19.03
CA ALA B 305 27.17 20.76 19.27
C ALA B 305 27.98 21.37 20.40
N GLU B 306 28.30 20.58 21.42
CA GLU B 306 29.03 21.08 22.57
C GLU B 306 30.49 21.34 22.21
N GLU B 307 31.09 20.47 21.39
CA GLU B 307 32.48 20.66 20.98
C GLU B 307 32.58 21.92 20.13
N LYS B 308 31.61 22.12 19.26
CA LYS B 308 31.55 23.35 18.46
C LYS B 308 31.36 24.59 19.31
N ALA B 309 30.49 24.53 20.32
CA ALA B 309 30.34 25.66 21.21
C ALA B 309 31.60 25.91 22.02
N ARG B 310 32.26 24.85 22.45
CA ARG B 310 33.45 24.99 23.28
C ARG B 310 34.64 25.60 22.48
N GLU B 311 34.82 25.22 21.23
CA GLU B 311 35.83 25.83 20.36
C GLU B 311 35.55 27.33 20.18
N ALA B 312 34.30 27.68 19.89
CA ALA B 312 33.95 29.09 19.61
C ALA B 312 34.10 29.96 20.83
N GLU B 313 33.73 29.43 22.00
CA GLU B 313 33.92 30.15 23.26
C GLU B 313 35.40 30.34 23.57
N SER B 314 36.18 29.31 23.33
CA SER B 314 37.61 29.40 23.57
C SER B 314 38.23 30.48 22.61
N LYS B 315 37.88 30.46 21.35
CA LYS B 315 38.38 31.48 20.44
C LYS B 315 37.96 32.91 20.87
N ALA B 316 36.73 33.05 21.38
CA ALA B 316 36.28 34.31 21.89
C ALA B 316 37.13 34.80 23.07
N ARG B 317 37.36 33.92 24.02
CA ARG B 317 38.19 34.29 25.17
C ARG B 317 39.63 34.62 24.74
N THR B 318 40.23 33.79 23.89
CA THR B 318 41.61 34.02 23.49
C THR B 318 41.73 35.33 22.72
N LEU B 319 40.77 35.63 21.85
CA LEU B 319 40.79 36.87 21.10
C LEU B 319 40.63 38.08 22.00
N GLU B 320 39.86 37.96 23.09
CA GLU B 320 39.78 39.04 24.06
C GLU B 320 41.12 39.35 24.71
N VAL B 321 41.86 38.31 25.11
CA VAL B 321 43.13 38.54 25.79
C VAL B 321 44.19 39.03 24.78
N ARG B 322 44.13 38.51 23.56
CA ARG B 322 45.05 38.93 22.54
C ARG B 322 44.79 40.40 22.12
N LEU B 323 43.54 40.81 22.01
CA LEU B 323 43.23 42.19 21.67
C LEU B 323 43.51 43.13 22.86
N GLY B 324 43.48 42.57 24.07
CA GLY B 324 43.83 43.32 25.29
C GLY B 324 43.22 44.68 25.50
N GLY B 325 44.04 45.72 25.31
CA GLY B 325 43.65 47.13 25.54
C GLY B 325 43.32 47.93 24.29
N ASP B 326 43.74 47.41 23.13
CA ASP B 326 43.50 48.01 21.79
C ASP B 326 42.14 48.74 21.63
N LEU B 327 41.06 47.99 21.40
CA LEU B 327 39.72 48.55 21.21
C LEU B 327 39.67 49.73 20.17
N THR B 328 40.23 49.48 18.99
CA THR B 328 39.85 50.24 17.79
C THR B 328 38.43 49.83 17.42
N ARG B 329 37.76 50.63 16.60
CA ARG B 329 36.42 50.27 16.09
C ARG B 329 36.49 48.89 15.40
N ASP B 330 37.51 48.70 14.56
CA ASP B 330 37.65 47.47 13.79
C ASP B 330 37.80 46.24 14.69
N SER B 331 38.70 46.31 15.65
CA SER B 331 38.82 45.28 16.67
C SER B 331 37.56 44.98 17.50
N ARG B 332 36.83 46.02 17.85
CA ARG B 332 35.59 45.90 18.64
C ARG B 332 34.50 45.12 17.88
N VAL B 333 34.25 45.52 16.64
CA VAL B 333 33.21 44.90 15.85
C VAL B 333 33.57 43.41 15.64
N MET B 334 34.82 43.09 15.31
CA MET B 334 35.21 41.72 15.00
C MET B 334 35.24 40.84 16.24
N LEU B 335 35.58 41.42 17.39
CA LEU B 335 35.40 40.75 18.68
C LEU B 335 33.96 40.38 18.98
N ARG B 336 33.01 41.24 18.64
CA ARG B 336 31.59 40.96 18.89
C ARG B 336 31.06 39.93 17.92
N GLN B 337 31.62 39.92 16.72
CA GLN B 337 31.22 38.89 15.79
C GLN B 337 31.54 37.52 16.36
N VAL B 338 32.78 37.35 16.84
CA VAL B 338 33.21 36.10 17.46
C VAL B 338 32.46 35.80 18.75
N GLN B 339 32.26 36.82 19.60
CA GLN B 339 31.57 36.65 20.85
C GLN B 339 30.11 36.22 20.64
N ASN B 340 29.41 36.84 19.70
CA ASN B 340 28.02 36.46 19.45
C ASN B 340 27.91 35.09 18.82
N ARG B 341 28.85 34.77 17.93
CA ARG B 341 28.89 33.42 17.37
C ARG B 341 29.02 32.34 18.45
N ALA B 342 29.87 32.62 19.43
CA ALA B 342 29.99 31.75 20.60
C ALA B 342 28.68 31.67 21.38
N ILE B 343 28.01 32.79 21.58
CA ILE B 343 26.75 32.82 22.30
C ILE B 343 25.71 31.94 21.57
N THR B 344 25.62 32.03 20.25
CA THR B 344 24.61 31.28 19.51
C THR B 344 24.89 29.78 19.54
N LEU B 345 26.16 29.39 19.36
CA LEU B 345 26.49 27.98 19.41
C LEU B 345 26.23 27.40 20.79
N ARG B 346 26.51 28.17 21.83
CA ARG B 346 26.28 27.72 23.19
C ARG B 346 24.80 27.49 23.46
N ARG B 347 23.94 28.40 23.01
CA ARG B 347 22.50 28.17 23.19
C ARG B 347 21.98 27.02 22.31
N GLU B 348 22.58 26.83 21.13
CA GLU B 348 22.29 25.65 20.33
C GLU B 348 22.70 24.36 21.05
N ALA B 349 23.90 24.37 21.63
CA ALA B 349 24.39 23.20 22.31
C ALA B 349 23.51 22.88 23.52
N ASP B 350 23.09 23.91 24.25
CA ASP B 350 22.24 23.73 25.44
C ASP B 350 20.86 23.16 25.11
N VAL B 351 20.30 23.57 23.98
CA VAL B 351 19.00 23.05 23.61
C VAL B 351 19.09 21.53 23.23
N LYS B 352 20.14 21.14 22.51
CA LYS B 352 20.35 19.73 22.20
C LYS B 352 20.70 18.91 23.40
N LYS B 353 21.39 19.51 24.38
CA LYS B 353 21.65 18.82 25.63
C LYS B 353 20.33 18.56 26.37
N ARG B 354 19.35 19.47 26.24
CA ARG B 354 18.06 19.26 26.90
C ARG B 354 17.25 18.17 26.25
N ILE B 355 17.31 18.08 24.93
CA ILE B 355 16.64 16.98 24.25
C ILE B 355 17.28 15.63 24.59
N LYS B 356 18.62 15.58 24.62
CA LYS B 356 19.33 14.40 25.03
C LYS B 356 18.83 13.98 26.42
N GLU B 357 18.80 14.89 27.39
CA GLU B 357 18.37 14.60 28.75
C GLU B 357 16.96 14.08 28.79
N ALA B 358 16.06 14.69 28.03
CA ALA B 358 14.68 14.22 27.94
C ALA B 358 14.56 12.79 27.43
N LYS B 359 15.33 12.45 26.40
CA LYS B 359 15.38 11.07 25.90
C LYS B 359 16.00 10.11 26.91
N GLN B 360 17.01 10.58 27.65
CA GLN B 360 17.59 9.75 28.69
C GLN B 360 16.57 9.46 29.79
N ARG B 361 15.79 10.46 30.15
CA ARG B 361 14.77 10.31 31.21
C ARG B 361 13.74 9.30 30.74
N ALA B 362 13.22 9.47 29.51
CA ALA B 362 12.21 8.57 28.96
C ALA B 362 12.74 7.14 28.88
N LEU B 363 14.03 6.98 28.61
CA LEU B 363 14.63 5.65 28.55
C LEU B 363 14.42 4.82 29.82
N LYS B 364 14.31 5.48 30.97
CA LYS B 364 14.18 4.73 32.21
C LYS B 364 12.74 4.36 32.50
N GLU B 365 11.75 4.96 31.81
CA GLU B 365 10.34 4.51 31.88
C GLU B 365 10.26 3.03 31.51
N PRO B 366 9.23 2.31 32.00
CA PRO B 366 9.20 0.89 31.65
C PRO B 366 8.98 0.72 30.12
N LYS B 367 9.64 -0.27 29.55
CA LYS B 367 9.61 -0.50 28.09
C LYS B 367 8.71 -1.69 27.86
N GLU B 368 7.43 -1.46 28.14
CA GLU B 368 6.42 -2.51 28.23
C GLU B 368 5.27 -2.23 27.28
N LEU B 369 4.71 -3.29 26.74
CA LEU B 369 3.42 -3.23 26.08
C LEU B 369 2.39 -3.79 27.06
N ASN B 370 1.22 -3.20 27.10
CA ASN B 370 0.18 -3.65 28.02
C ASN B 370 -0.86 -4.49 27.22
N PHE B 371 -0.86 -5.79 27.41
CA PHE B 371 -1.85 -6.65 26.80
C PHE B 371 -3.04 -6.71 27.74
N VAL B 372 -4.23 -6.41 27.21
CA VAL B 372 -5.46 -6.59 27.99
C VAL B 372 -6.34 -7.65 27.31
N PHE B 373 -6.83 -8.61 28.08
CA PHE B 373 -7.69 -9.65 27.59
C PHE B 373 -8.97 -9.69 28.39
N GLY B 374 -10.09 -9.99 27.72
CA GLY B 374 -11.34 -10.21 28.41
C GLY B 374 -12.22 -11.11 27.56
N VAL B 375 -13.30 -11.64 28.15
CA VAL B 375 -14.16 -12.54 27.43
C VAL B 375 -15.35 -11.77 26.85
N ASN B 376 -15.59 -11.96 25.56
CA ASN B 376 -16.68 -11.29 24.91
C ASN B 376 -17.92 -12.16 25.11
N ILE B 377 -18.53 -12.05 26.27
CA ILE B 377 -19.68 -12.92 26.57
C ILE B 377 -20.92 -12.57 25.75
N GLU B 378 -21.08 -11.33 25.31
CA GLU B 378 -22.22 -10.99 24.48
C GLU B 378 -22.16 -11.58 23.08
N HIS B 379 -20.94 -11.81 22.56
CA HIS B 379 -20.76 -12.25 21.16
C HIS B 379 -19.51 -13.09 21.09
N ARG B 380 -19.63 -14.33 21.55
CA ARG B 380 -18.47 -15.22 21.73
C ARG B 380 -17.69 -15.40 20.41
N ASP B 381 -18.37 -15.37 19.27
CA ASP B 381 -17.70 -15.58 17.99
C ASP B 381 -16.89 -14.35 17.48
N LEU B 382 -17.05 -13.19 18.12
CA LEU B 382 -16.31 -11.98 17.74
C LEU B 382 -15.10 -11.86 18.68
N ASP B 383 -14.09 -12.66 18.41
CA ASP B 383 -12.97 -12.82 19.30
C ASP B 383 -11.64 -12.66 18.55
N GLY B 384 -10.54 -12.71 19.28
CA GLY B 384 -9.24 -12.45 18.67
C GLY B 384 -8.70 -11.09 19.11
N MET B 385 -7.55 -10.73 18.59
CA MET B 385 -6.83 -9.56 19.06
C MET B 385 -7.11 -8.33 18.21
N PHE B 386 -7.19 -7.19 18.89
CA PHE B 386 -7.33 -5.85 18.28
C PHE B 386 -6.02 -5.13 18.58
N ILE B 387 -5.29 -4.81 17.54
CA ILE B 387 -3.97 -4.20 17.69
C ILE B 387 -3.98 -2.76 17.23
N TYR B 388 -3.75 -1.85 18.16
CA TYR B 388 -3.81 -0.42 17.96
C TYR B 388 -2.34 0.09 17.82
N ASN B 389 -2.16 1.15 17.08
CA ASN B 389 -0.83 1.74 16.87
C ASN B 389 -0.99 3.23 17.11
N CYS B 390 -0.40 3.71 18.20
CA CYS B 390 -0.60 5.10 18.66
C CYS B 390 -2.06 5.46 18.71
N SER B 391 -2.84 4.54 19.30
CA SER B 391 -4.27 4.67 19.55
C SER B 391 -5.17 4.31 18.37
N ARG B 392 -4.61 4.09 17.18
CA ARG B 392 -5.38 3.90 15.96
C ARG B 392 -5.46 2.39 15.66
N LEU B 393 -6.67 1.88 15.44
CA LEU B 393 -6.86 0.48 15.14
C LEU B 393 -6.20 0.07 13.81
N ILE B 394 -5.37 -0.97 13.84
CA ILE B 394 -4.67 -1.44 12.65
C ILE B 394 -5.18 -2.83 12.25
N LYS B 395 -5.22 -3.74 13.20
CA LYS B 395 -5.61 -5.13 12.97
C LYS B 395 -6.75 -5.47 13.90
N MET B 396 -7.72 -6.20 13.38
CA MET B 396 -8.84 -6.65 14.22
C MET B 396 -9.11 -8.12 14.03
N TYR B 397 -9.63 -8.75 15.08
CA TYR B 397 -9.99 -10.17 15.04
C TYR B 397 -8.82 -11.07 14.66
N GLU B 398 -7.62 -10.73 15.11
CA GLU B 398 -6.47 -11.53 14.78
C GLU B 398 -6.35 -12.69 15.78
N LYS B 399 -6.43 -13.93 15.32
CA LYS B 399 -6.36 -15.09 16.25
C LYS B 399 -4.91 -15.40 16.60
N VAL B 400 -4.65 -15.68 17.87
CA VAL B 400 -3.31 -15.95 18.36
C VAL B 400 -3.35 -17.12 19.37
N GLY B 401 -2.19 -17.70 19.63
CA GLY B 401 -2.05 -18.70 20.72
C GLY B 401 -2.99 -19.87 20.53
N PRO B 402 -3.66 -20.30 21.61
CA PRO B 402 -4.58 -21.42 21.52
C PRO B 402 -5.74 -21.21 20.57
N GLN B 403 -6.11 -19.97 20.27
CA GLN B 403 -7.19 -19.74 19.27
C GLN B 403 -6.83 -20.25 17.86
N LEU B 404 -5.56 -20.45 17.57
CA LEU B 404 -5.18 -20.96 16.27
C LEU B 404 -5.44 -22.44 16.12
N GLU B 405 -5.78 -23.14 17.21
CA GLU B 405 -6.27 -24.52 17.12
C GLU B 405 -7.78 -24.66 17.04
N GLY B 406 -8.17 -25.87 16.67
CA GLY B 406 -9.50 -26.34 16.82
C GLY B 406 -9.59 -26.61 18.31
N GLY B 407 -10.46 -25.88 18.96
CA GLY B 407 -10.68 -26.09 20.34
C GLY B 407 -11.61 -25.00 20.85
N MET B 408 -12.19 -25.22 22.03
CA MET B 408 -12.90 -24.16 22.76
C MET B 408 -11.96 -23.33 23.63
N ALA B 409 -10.69 -23.77 23.79
CA ALA B 409 -9.71 -22.99 24.54
C ALA B 409 -9.47 -21.61 23.90
N CYS B 410 -9.61 -20.61 24.76
CA CYS B 410 -9.51 -19.21 24.40
C CYS B 410 -10.56 -18.74 23.41
N GLY B 411 -11.57 -19.56 23.15
CA GLY B 411 -12.69 -19.11 22.35
C GLY B 411 -13.47 -18.02 23.10
N GLY B 412 -13.80 -16.95 22.40
CA GLY B 412 -14.49 -15.81 23.02
C GLY B 412 -13.59 -14.72 23.60
N VAL B 413 -12.28 -14.95 23.63
CA VAL B 413 -11.42 -13.99 24.29
C VAL B 413 -11.04 -12.92 23.26
N VAL B 414 -11.23 -11.66 23.63
CA VAL B 414 -10.75 -10.51 22.90
C VAL B 414 -9.50 -10.00 23.59
N GLY B 415 -8.51 -9.62 22.82
CA GLY B 415 -7.29 -9.03 23.36
C GLY B 415 -7.14 -7.66 22.75
N VAL B 416 -6.53 -6.76 23.52
CA VAL B 416 -6.28 -5.39 23.04
C VAL B 416 -4.87 -4.97 23.41
N VAL B 417 -4.15 -4.36 22.48
CA VAL B 417 -2.87 -3.77 22.82
C VAL B 417 -2.66 -2.51 22.01
N ASP B 418 -2.03 -1.50 22.62
CA ASP B 418 -1.70 -0.24 21.94
C ASP B 418 -0.17 -0.20 21.80
N VAL B 419 0.30 -0.13 20.57
CA VAL B 419 1.72 -0.28 20.27
C VAL B 419 2.22 1.09 19.86
N PRO B 420 3.27 1.59 20.51
CA PRO B 420 3.81 2.90 20.10
C PRO B 420 4.61 2.81 18.78
N TYR B 421 4.75 3.94 18.13
CA TYR B 421 5.52 4.02 16.89
C TYR B 421 6.95 3.53 16.99
N LEU B 422 7.57 3.73 18.15
CA LEU B 422 8.91 3.18 18.34
C LEU B 422 8.99 1.68 18.12
N VAL B 423 7.92 0.95 18.46
CA VAL B 423 7.93 -0.50 18.34
C VAL B 423 7.49 -0.94 16.92
N LEU B 424 6.34 -0.43 16.46
CA LEU B 424 5.83 -0.75 15.10
C LEU B 424 5.29 0.49 14.45
N GLU B 425 5.50 0.60 13.15
CA GLU B 425 4.81 1.61 12.34
C GLU B 425 3.92 0.94 11.31
N PRO B 426 2.89 1.63 10.85
CA PRO B 426 1.94 1.01 9.95
C PRO B 426 2.39 0.95 8.49
N THR B 427 1.75 0.06 7.77
CA THR B 427 1.89 0.09 6.31
C THR B 427 1.21 1.36 5.71
N HIS B 428 1.48 1.52 4.45
CA HIS B 428 1.00 2.62 3.63
C HIS B 428 -0.53 2.83 3.73
N ASN B 429 -1.28 1.74 3.85
CA ASN B 429 -2.75 1.89 4.02
C ASN B 429 -3.27 1.97 5.47
N LYS B 430 -2.37 1.95 6.44
CA LYS B 430 -2.70 1.81 7.86
C LYS B 430 -3.66 0.68 8.21
N GLN B 431 -3.49 -0.45 7.54
CA GLN B 431 -4.25 -1.66 7.79
C GLN B 431 -3.35 -2.86 8.06
N ASP B 432 -2.04 -2.64 8.17
CA ASP B 432 -1.09 -3.67 8.50
C ASP B 432 0.14 -3.00 9.12
N PHE B 433 1.12 -3.80 9.52
CA PHE B 433 2.35 -3.26 10.10
C PHE B 433 3.52 -3.40 9.14
N ALA B 434 4.31 -2.33 9.02
CA ALA B 434 5.40 -2.29 8.05
C ALA B 434 6.49 -3.32 8.32
N ASP B 435 6.78 -3.57 9.62
CA ASP B 435 7.78 -4.58 10.01
C ASP B 435 7.18 -5.92 10.36
N ALA B 436 7.09 -6.79 9.36
CA ALA B 436 6.32 -8.02 9.50
C ALA B 436 6.97 -8.94 10.51
N LYS B 437 8.28 -8.99 10.52
CA LYS B 437 9.03 -9.83 11.45
C LYS B 437 8.70 -9.45 12.90
N GLU B 438 8.74 -8.16 13.22
CA GLU B 438 8.43 -7.75 14.60
C GLU B 438 6.95 -7.92 14.92
N TYR B 439 6.09 -7.71 13.95
CA TYR B 439 4.65 -7.97 14.16
C TYR B 439 4.36 -9.43 14.45
N ARG B 440 4.92 -10.35 13.67
CA ARG B 440 4.77 -11.78 13.99
C ARG B 440 5.31 -12.12 15.40
N HIS B 441 6.41 -11.52 15.78
CA HIS B 441 6.93 -11.72 17.14
C HIS B 441 5.94 -11.25 18.20
N LEU B 442 5.35 -10.07 17.99
CA LEU B 442 4.34 -9.56 18.87
C LEU B 442 3.13 -10.48 18.98
N LEU B 443 2.65 -11.00 17.85
CA LEU B 443 1.52 -11.95 17.87
C LEU B 443 1.84 -13.23 18.65
N ARG B 444 3.05 -13.73 18.52
CA ARG B 444 3.43 -14.91 19.36
C ARG B 444 3.42 -14.56 20.83
N ALA B 445 3.95 -13.40 21.17
CA ALA B 445 3.99 -12.97 22.56
C ALA B 445 2.57 -12.82 23.11
N MET B 446 1.71 -12.22 22.31
CA MET B 446 0.31 -12.06 22.74
C MET B 446 -0.35 -13.39 22.94
N GLY B 447 -0.04 -14.35 22.06
CA GLY B 447 -0.59 -15.71 22.20
C GLY B 447 -0.20 -16.43 23.46
N GLU B 448 1.06 -16.27 23.84
CA GLU B 448 1.52 -16.85 25.10
C GLU B 448 0.82 -16.23 26.33
N HIS B 449 0.60 -14.93 26.29
CA HIS B 449 -0.09 -14.25 27.38
C HIS B 449 -1.56 -14.56 27.40
N LEU B 450 -2.13 -14.76 26.23
CA LEU B 450 -3.50 -15.23 26.14
C LEU B 450 -3.69 -16.59 26.86
N ALA B 451 -2.77 -17.53 26.63
CA ALA B 451 -2.85 -18.81 27.35
C ALA B 451 -2.83 -18.60 28.86
N GLN B 452 -1.97 -17.70 29.33
CA GLN B 452 -1.91 -17.39 30.75
C GLN B 452 -3.20 -16.77 31.28
N TYR B 453 -3.78 -15.85 30.51
CA TYR B 453 -5.05 -15.25 30.88
C TYR B 453 -6.12 -16.34 31.06
N TRP B 454 -6.13 -17.28 30.13
CA TRP B 454 -7.08 -18.36 30.19
C TRP B 454 -6.92 -19.22 31.46
N LYS B 455 -5.67 -19.53 31.83
CA LYS B 455 -5.43 -20.22 33.09
C LYS B 455 -5.89 -19.35 34.26
N ASP B 456 -5.61 -18.05 34.19
CA ASP B 456 -5.85 -17.16 35.31
C ASP B 456 -7.33 -16.98 35.66
N ILE B 457 -8.19 -16.88 34.68
CA ILE B 457 -9.64 -16.78 34.98
C ILE B 457 -10.28 -18.12 35.25
N ALA B 458 -9.58 -19.24 35.02
CA ALA B 458 -9.99 -20.53 35.63
C ALA B 458 -11.46 -20.86 35.21
N ILE B 459 -11.74 -20.68 33.93
CA ILE B 459 -13.01 -21.09 33.42
C ILE B 459 -13.18 -22.62 33.53
N ALA B 460 -12.10 -23.40 33.73
CA ALA B 460 -12.23 -24.83 34.07
C ALA B 460 -12.63 -25.15 35.53
N GLN B 461 -12.44 -24.22 36.48
CA GLN B 461 -13.02 -24.33 37.84
C GLN B 461 -14.52 -24.32 37.75
N ARG B 462 -15.06 -23.47 36.90
CA ARG B 462 -16.49 -23.58 36.57
C ARG B 462 -17.12 -24.84 35.84
N GLY B 463 -16.55 -25.74 34.97
CA GLY B 463 -15.98 -25.77 33.59
C GLY B 463 -16.61 -25.22 32.33
N ILE B 464 -15.95 -25.43 31.20
CA ILE B 464 -16.10 -24.45 30.10
C ILE B 464 -17.51 -24.46 29.46
N ILE B 465 -18.10 -25.62 29.27
CA ILE B 465 -19.46 -25.68 28.71
C ILE B 465 -20.50 -25.05 29.66
N LYS B 466 -20.37 -25.34 30.95
CA LYS B 466 -21.27 -24.78 31.96
C LYS B 466 -21.11 -23.26 32.08
N PHE B 467 -19.88 -22.75 31.86
CA PHE B 467 -19.63 -21.31 31.79
C PHE B 467 -20.48 -20.69 30.69
N TRP B 468 -20.40 -21.22 29.48
CA TRP B 468 -21.14 -20.63 28.38
C TRP B 468 -22.64 -20.84 28.52
N ASP B 469 -23.06 -22.00 29.05
CA ASP B 469 -24.48 -22.13 29.17
C ASP B 469 -25.12 -21.19 30.22
N GLU B 470 -24.38 -20.78 31.24
CA GLU B 470 -24.88 -19.80 32.21
C GLU B 470 -25.19 -18.44 31.56
N PHE B 471 -24.46 -18.06 30.51
CA PHE B 471 -24.74 -16.83 29.77
C PHE B 471 -25.72 -17.00 28.61
N GLY B 472 -26.25 -18.19 28.43
CA GLY B 472 -27.38 -18.41 27.55
C GLY B 472 -27.03 -18.87 26.15
N TYR B 473 -25.89 -19.54 25.97
CA TYR B 473 -25.53 -20.11 24.68
C TYR B 473 -26.15 -21.50 24.59
N LEU B 474 -27.44 -21.52 24.29
CA LEU B 474 -28.21 -22.79 24.25
C LEU B 474 -27.84 -23.61 23.02
N SER B 475 -27.66 -22.92 21.89
CA SER B 475 -27.41 -23.54 20.59
C SER B 475 -26.07 -24.31 20.56
N ALA B 476 -26.02 -25.37 19.77
CA ALA B 476 -24.81 -26.17 19.63
C ALA B 476 -23.76 -25.51 18.71
N ASN B 477 -24.20 -24.66 17.78
CA ASN B 477 -23.36 -23.99 16.79
C ASN B 477 -22.65 -22.80 17.44
N TRP B 478 -21.32 -22.77 17.34
CA TRP B 478 -20.53 -21.70 17.96
C TRP B 478 -20.88 -20.28 17.48
N ASN B 479 -21.51 -20.14 16.30
CA ASN B 479 -21.76 -18.84 15.69
C ASN B 479 -23.02 -18.14 16.17
N GLN B 480 -24.02 -18.85 16.69
CA GLN B 480 -25.31 -18.20 16.95
C GLN B 480 -25.25 -17.40 18.25
N PRO B 481 -25.96 -16.26 18.30
CA PRO B 481 -25.90 -15.43 19.50
C PRO B 481 -26.47 -16.14 20.71
N PRO B 482 -26.15 -15.66 21.91
CA PRO B 482 -26.76 -16.26 23.09
C PRO B 482 -28.23 -15.88 23.18
N SER B 483 -28.97 -16.60 24.00
CA SER B 483 -30.40 -16.40 24.08
C SER B 483 -30.76 -14.97 24.46
N SER B 484 -31.88 -14.52 23.88
CA SER B 484 -32.46 -13.20 24.12
C SER B 484 -33.46 -13.11 25.30
N GLU B 485 -33.79 -14.26 25.90
CA GLU B 485 -34.71 -14.29 27.04
C GLU B 485 -34.08 -13.43 28.14
N LEU B 486 -34.95 -12.83 28.98
CA LEU B 486 -34.56 -11.76 29.91
C LEU B 486 -33.56 -12.18 30.95
N ARG B 487 -33.74 -13.37 31.50
CA ARG B 487 -32.81 -13.90 32.51
C ARG B 487 -31.37 -14.01 32.04
N TYR B 488 -31.16 -14.37 30.79
CA TYR B 488 -29.81 -14.46 30.23
C TYR B 488 -29.27 -13.08 29.86
N LYS B 489 -30.14 -12.18 29.40
CA LYS B 489 -29.72 -10.80 29.11
C LYS B 489 -29.12 -10.15 30.36
N ARG B 490 -29.86 -10.25 31.47
CA ARG B 490 -29.39 -9.67 32.72
C ARG B 490 -28.17 -10.40 33.28
N ARG B 491 -28.09 -11.72 33.09
CA ARG B 491 -26.93 -12.46 33.54
C ARG B 491 -25.69 -11.94 32.82
N ARG B 492 -25.79 -11.71 31.52
CA ARG B 492 -24.67 -11.16 30.77
C ARG B 492 -24.36 -9.71 31.18
N ALA B 493 -25.40 -8.88 31.28
CA ALA B 493 -25.22 -7.45 31.53
C ALA B 493 -24.58 -7.12 32.90
N MET B 494 -24.96 -7.90 33.92
CA MET B 494 -24.41 -7.84 35.29
C MET B 494 -22.90 -7.89 35.33
N GLU B 495 -22.28 -8.53 34.33
CA GLU B 495 -20.83 -8.72 34.31
C GLU B 495 -20.06 -7.62 33.68
N ILE B 496 -20.74 -6.70 32.99
CA ILE B 496 -20.05 -5.72 32.18
C ILE B 496 -20.41 -4.38 32.79
N PRO B 497 -19.41 -3.65 33.34
CA PRO B 497 -19.82 -2.38 33.91
C PRO B 497 -20.21 -1.42 32.79
N THR B 498 -20.91 -0.38 33.17
CA THR B 498 -21.48 0.52 32.22
C THR B 498 -20.51 1.70 32.22
N THR B 499 -19.95 1.96 31.05
CA THR B 499 -19.15 3.17 30.85
C THR B 499 -19.80 4.02 29.80
N ILE B 500 -19.68 5.32 29.97
CA ILE B 500 -20.49 6.23 29.16
C ILE B 500 -19.78 7.56 29.08
N GLN B 501 -19.88 8.20 27.94
CA GLN B 501 -19.17 9.46 27.71
C GLN B 501 -20.15 10.60 27.86
N CYS B 502 -19.72 11.64 28.57
CA CYS B 502 -20.53 12.83 28.71
C CYS B 502 -20.53 13.60 27.39
N ASP B 503 -21.71 13.94 26.93
CA ASP B 503 -21.83 14.68 25.69
C ASP B 503 -21.35 16.11 25.73
N LEU B 504 -21.22 16.68 26.93
CA LEU B 504 -20.80 18.07 27.07
C LEU B 504 -19.29 18.22 27.24
N CYS B 505 -18.71 17.48 28.20
CA CYS B 505 -17.31 17.68 28.58
C CYS B 505 -16.40 16.57 28.03
N LEU B 506 -17.00 15.52 27.48
CA LEU B 506 -16.27 14.47 26.80
C LEU B 506 -15.56 13.51 27.72
N LYS B 507 -15.70 13.66 29.04
CA LYS B 507 -15.12 12.71 29.97
C LYS B 507 -15.86 11.38 29.98
N TRP B 508 -15.12 10.31 30.30
CA TRP B 508 -15.69 8.99 30.37
C TRP B 508 -15.99 8.69 31.84
N ARG B 509 -17.17 8.15 32.10
CA ARG B 509 -17.65 7.86 33.44
C ARG B 509 -18.05 6.41 33.53
N THR B 510 -17.97 5.84 34.73
CA THR B 510 -18.63 4.58 34.99
C THR B 510 -19.94 4.79 35.76
N LEU B 511 -20.98 4.06 35.38
CA LEU B 511 -22.24 4.10 36.12
C LEU B 511 -22.27 2.86 37.02
N PRO B 512 -22.79 3.01 38.26
CA PRO B 512 -22.91 1.90 39.22
C PRO B 512 -24.02 0.86 38.88
N PHE B 513 -24.68 1.05 37.75
CA PHE B 513 -25.77 0.25 37.25
C PHE B 513 -25.26 -0.84 36.32
N ASP B 524 -28.17 7.30 23.97
CA ASP B 524 -28.54 8.62 23.40
C ASP B 524 -27.64 9.78 23.90
N THR B 525 -28.22 10.83 24.46
CA THR B 525 -27.48 11.88 25.12
C THR B 525 -27.38 11.55 26.60
N TRP B 526 -26.20 11.77 27.14
CA TRP B 526 -25.95 11.57 28.55
C TRP B 526 -24.92 12.60 28.97
N VAL B 527 -25.08 13.11 30.18
CA VAL B 527 -24.17 14.11 30.74
C VAL B 527 -23.82 13.73 32.18
N CYS B 528 -22.72 14.27 32.67
CA CYS B 528 -22.19 13.92 33.98
C CYS B 528 -23.21 14.04 35.12
N SER B 529 -24.03 15.08 35.10
CA SER B 529 -24.95 15.30 36.23
C SER B 529 -26.07 14.23 36.36
N MET B 530 -26.24 13.40 35.33
CA MET B 530 -27.17 12.27 35.37
C MET B 530 -26.60 11.07 36.16
N ASN B 531 -25.31 11.09 36.45
CA ASN B 531 -24.69 10.00 37.19
C ASN B 531 -25.10 10.02 38.67
N PRO B 532 -25.62 8.88 39.19
CA PRO B 532 -25.95 8.84 40.62
C PRO B 532 -24.74 8.77 41.55
N ASP B 533 -23.55 8.54 41.01
CA ASP B 533 -22.34 8.49 41.80
C ASP B 533 -21.95 9.91 42.22
N PRO B 534 -21.95 10.21 43.53
CA PRO B 534 -21.63 11.58 43.96
C PRO B 534 -20.19 12.05 43.65
N GLU B 535 -19.28 11.12 43.38
CA GLU B 535 -17.90 11.45 43.04
C GLU B 535 -17.66 11.79 41.54
N GLN B 536 -18.60 11.46 40.66
CA GLN B 536 -18.47 11.72 39.22
C GLN B 536 -19.66 12.51 38.67
N ASP B 537 -20.30 13.27 39.56
CA ASP B 537 -21.65 13.83 39.43
C ASP B 537 -21.70 15.18 38.69
N ARG B 538 -20.55 15.70 38.28
CA ARG B 538 -20.45 17.03 37.73
C ARG B 538 -19.39 16.97 36.64
N CYS B 539 -19.54 17.78 35.59
CA CYS B 539 -18.51 17.78 34.54
C CYS B 539 -17.13 18.16 35.09
N GLU B 540 -17.11 18.90 36.17
CA GLU B 540 -15.85 19.37 36.74
C GLU B 540 -15.11 18.27 37.51
N ALA B 541 -15.82 17.21 37.92
CA ALA B 541 -15.17 16.08 38.61
C ALA B 541 -14.15 15.42 37.72
N SER B 542 -13.00 15.10 38.29
CA SER B 542 -11.88 14.56 37.56
C SER B 542 -12.17 13.19 36.99
N GLU B 543 -11.60 12.88 35.84
CA GLU B 543 -11.85 11.60 35.19
C GLU B 543 -11.13 10.43 35.88
N GLN B 544 -11.88 9.38 36.15
CA GLN B 544 -11.40 8.17 36.77
C GLN B 544 -10.89 7.25 35.67
N LYS B 545 -9.77 6.62 35.95
CA LYS B 545 -9.15 5.72 34.98
C LYS B 545 -9.61 4.29 35.21
N GLN B 546 -9.76 3.54 34.14
CA GLN B 546 -9.94 2.12 34.21
C GLN B 546 -8.97 1.48 35.20
N LYS B 547 -9.50 0.75 36.19
CA LYS B 547 -8.66 -0.07 37.04
C LYS B 547 -8.72 -1.52 36.59
N VAL B 548 -7.93 -1.84 35.58
CA VAL B 548 -7.89 -3.21 35.08
C VAL B 548 -6.93 -3.99 36.02
N PRO B 549 -7.38 -5.09 36.58
CA PRO B 549 -6.46 -5.84 37.43
C PRO B 549 -5.28 -6.46 36.66
N LEU B 550 -4.17 -6.61 37.37
CA LEU B 550 -2.91 -6.99 36.76
C LEU B 550 -2.67 -8.46 36.93
N GLY B 551 -2.38 -9.15 35.83
CA GLY B 551 -1.91 -10.54 35.86
C GLY B 551 -0.42 -10.62 35.57
N THR B 552 0.15 -11.80 35.77
CA THR B 552 1.62 -11.95 35.58
C THR B 552 1.88 -13.19 34.75
N PHE B 553 2.83 -13.07 33.86
CA PHE B 553 3.20 -14.16 32.96
C PHE B 553 4.30 -15.03 33.60
N ARG B 554 3.99 -16.28 33.92
CA ARG B 554 4.97 -17.26 34.47
C ARG B 554 5.69 -16.77 35.74
ZN ZN C . 16.80 -25.01 -27.34
PG ATP D . 4.44 -0.50 -11.81
O1G ATP D . 5.66 -1.38 -11.67
O2G ATP D . 4.28 0.55 -10.80
O3G ATP D . 3.09 -1.18 -12.10
PB ATP D . 6.03 0.66 -13.96
O1B ATP D . 5.62 1.48 -15.13
O2B ATP D . 6.83 -0.57 -14.19
O3B ATP D . 4.67 0.38 -13.16
PA ATP D . 8.25 1.43 -12.32
O1A ATP D . 8.41 2.50 -11.33
O2A ATP D . 8.35 -0.02 -11.93
O3A ATP D . 6.77 1.68 -12.90
O5' ATP D . 9.24 1.72 -13.57
C5' ATP D . 9.13 2.97 -14.20
C4' ATP D . 9.56 2.87 -15.65
O4' ATP D . 10.96 2.65 -15.73
C3' ATP D . 8.96 1.67 -16.37
O3' ATP D . 7.69 2.08 -16.84
C2' ATP D . 9.96 1.41 -17.44
O2' ATP D . 9.61 2.37 -18.45
C1' ATP D . 11.29 1.81 -16.80
N9 ATP D . 12.07 0.68 -16.27
C8 ATP D . 12.27 0.36 -14.97
N7 ATP D . 13.08 -0.70 -14.86
C5 ATP D . 13.41 -1.06 -16.13
C6 ATP D . 14.24 -2.13 -16.74
N6 ATP D . 14.85 -3.05 -15.96
N1 ATP D . 14.32 -2.16 -18.10
C2 ATP D . 13.72 -1.24 -18.88
N3 ATP D . 12.96 -0.24 -18.40
C4 ATP D . 12.76 -0.14 -17.05
MG MG E . 7.27 -1.75 -12.63
MG MG F . 18.95 -6.20 -24.44
ZN ZN G . -19.45 16.04 31.70
PG ATP H . -1.04 10.47 7.12
O1G ATP H . -0.63 10.18 5.66
O2G ATP H . -2.51 10.48 7.33
O3G ATP H . -0.33 9.63 8.14
PB ATP H . -1.09 13.40 7.36
O1B ATP H . 0.00 14.37 7.60
O2B ATP H . -2.38 13.27 8.16
O3B ATP H . -0.36 11.92 7.42
PA ATP H . -2.93 13.73 5.21
O1A ATP H . -2.78 13.67 3.72
O2A ATP H . -3.99 12.86 5.85
O3A ATP H . -1.47 13.46 5.80
O5' ATP H . -3.29 15.26 5.52
C5' ATP H . -2.46 16.32 5.08
C4' ATP H . -2.42 17.47 6.07
O4' ATP H . -3.64 18.21 5.93
C3' ATP H . -2.34 17.03 7.53
O3' ATP H . -0.98 16.93 7.94
C2' ATP H . -3.04 18.17 8.21
O2' ATP H . -2.04 19.21 8.36
C1' ATP H . -4.07 18.66 7.20
N9 ATP H . -5.46 18.18 7.37
C8 ATP H . -6.12 17.23 6.66
N7 ATP H . -7.41 17.10 7.09
C5 ATP H . -7.56 18.00 8.09
C6 ATP H . -8.64 18.41 8.99
N6 ATP H . -9.84 17.83 8.92
N1 ATP H . -8.40 19.39 9.87
C2 ATP H . -7.20 20.00 9.97
N3 ATP H . -6.15 19.68 9.19
C4 ATP H . -6.29 18.71 8.25
MG MG I . -3.96 11.95 7.69
#